data_4U3J
#
_entry.id   4U3J
#
_cell.length_a   111.909
_cell.length_b   89.573
_cell.length_c   135.508
_cell.angle_alpha   90.00
_cell.angle_beta   112.31
_cell.angle_gamma   90.00
#
_symmetry.space_group_name_H-M   'C 1 2 1'
#
loop_
_entity.id
_entity.type
_entity.pdbx_description
1 polymer 'Tubulin alpha-1 chain'
2 polymer 'Tubulin beta chain'
3 polymer 'Protein STU2'
4 non-polymer 'MAGNESIUM ION'
5 non-polymer "GUANOSINE-5'-TRIPHOSPHATE"
6 water water
#
loop_
_entity_poly.entity_id
_entity_poly.type
_entity_poly.pdbx_seq_one_letter_code
_entity_poly.pdbx_strand_id
1 'polypeptide(L)'
;MREVISINVGQAGCQIGNACWELYSLEHGIKPDGHLEDGLSKPKGGEEGFSTFFHETGYGKFVPRAIYVDLEPNVIDEVR
NGPYKDLFHPEQLISGKEDAANNYARGHYTVGREILGDVLDRIRKLADQCDGLQGFLFTHSLGGGTGSGLGSLLLEELSA
EYGKKSKLEFAVYPAPQVSTSVVEPYNTVLTTHTTLEHADCTFMVDNEAIYDMCKRNLDIPRPSFANLNNLIAQVVSSVT
ASLRFDGSLNVDLNEFQTNLVPYPRIHFPLVSYSPVLSKSKAFHESNSVSEITNACFEPGNQMVKCDPRDGKYMATCLLY
RGDVVTRDVQRAVEQVKNKKTVQLVDWCPTGFKIGICYEPPTATPNSQLATVDRAVCMLSNTTSIAEAWKRIDRKFDLMY
AKRAFVHWYVGEGMEEGEFTEAREDLAALERDYIEVGADSYAEEEEF
;
A
2 'polypeptide(L)'
;MREIIHISTGQCGNQIGAAFWETICGEHGLDFNGTYHGHDDIQKERLNVYFNEASSGKWVPRSINVDLEPGTIDAVRNSA
IGNLFRPDNYIFGQSSAGNVWAKGHYTEGAELVDSVMDVIRREAEGCDSLQGFQITHSLGGGTGSGMGTLLISKIREEFP
DRMMATFSVLPSPKRSDTRVEPYNATLSVHQLVEHSDETFCIDNEALYDICQRTLKLNQPSYGDLNNLVSSVMSGVTTSL
RYPGQLNSDLRKLAVNLVPFPRLHFFMVGYAPLTAIGSQSFRSLTVPELTQQMFDAKNMMAAADPRNGRYLTVAAFFRGK
VSVKEVEDEMHKVQSKNSDYFVEWIPNNVQTAVCSVAPQGLDMAATFIANSTSIQELFKRVGDQFSAMFKRKAFLHWYTS
EGMDELEFSEAESNMNDLVSEYQQYQEATVEDDEEVDENGDFGAPQNQDEPITENFEHHHHHH
;
B
3 'polypeptide(L)'
;MLPEETILDKLPKDFQERITSSKWKDRVEALEEFWDSVLSQTKKLKSTSQNYSNLLGIYGHIIQKDANIQAVALAAQSVE
LICDKLKTPGFSKDYVSLVFTPLLDRTKEKKPSVIEAIRKALLTICKYYDPLASSGRNEDMLKDILEHMKHKTPQIRMEC
TQLFNASMKEEKDGYSTLQRYLKDEVVPIVIQIVNDTQPAIRTIGFESFAILIKIFGMNTFVKTLEHLDNLKRKKIEETV
KTLHHHHHH
;
C
#
# COMPACT_ATOMS: atom_id res chain seq x y z
N MET A 1 -39.10 -15.54 12.40
CA MET A 1 -38.84 -14.20 11.81
C MET A 1 -37.87 -14.29 10.64
N ARG A 2 -37.94 -13.30 9.75
CA ARG A 2 -37.06 -13.25 8.58
C ARG A 2 -35.88 -12.33 8.84
N GLU A 3 -34.78 -12.90 9.34
CA GLU A 3 -33.64 -12.12 9.79
C GLU A 3 -32.87 -11.44 8.66
N VAL A 4 -32.24 -10.32 8.98
CA VAL A 4 -31.39 -9.58 8.06
C VAL A 4 -30.05 -9.28 8.72
N ILE A 5 -28.97 -9.77 8.11
CA ILE A 5 -27.62 -9.57 8.64
C ILE A 5 -26.98 -8.36 7.98
N SER A 6 -26.46 -7.45 8.81
CA SER A 6 -25.84 -6.22 8.32
C SER A 6 -24.31 -6.31 8.38
N ILE A 7 -23.69 -6.31 7.20
CA ILE A 7 -22.23 -6.39 7.11
C ILE A 7 -21.63 -5.03 6.74
N ASN A 8 -20.59 -4.64 7.46
CA ASN A 8 -19.91 -3.38 7.22
C ASN A 8 -18.41 -3.60 7.00
N VAL A 9 -17.88 -2.99 5.94
CA VAL A 9 -16.49 -3.22 5.53
C VAL A 9 -15.73 -1.92 5.36
N GLY A 10 -14.59 -1.80 6.04
CA GLY A 10 -13.74 -0.64 5.92
C GLY A 10 -14.09 0.46 6.92
N GLN A 11 -13.35 1.56 6.86
CA GLN A 11 -13.56 2.67 7.78
C GLN A 11 -14.93 3.31 7.59
N ALA A 12 -15.29 3.58 6.33
CA ALA A 12 -16.56 4.23 6.02
C ALA A 12 -17.73 3.34 6.42
N GLY A 13 -17.65 2.06 6.06
CA GLY A 13 -18.72 1.13 6.37
C GLY A 13 -18.91 0.99 7.87
N CYS A 14 -17.80 0.93 8.60
CA CYS A 14 -17.83 0.72 10.04
C CYS A 14 -18.28 1.97 10.78
N GLN A 15 -17.85 3.14 10.31
CA GLN A 15 -18.24 4.40 10.94
C GLN A 15 -19.70 4.73 10.65
N ILE A 16 -20.15 4.42 9.44
CA ILE A 16 -21.55 4.57 9.09
C ILE A 16 -22.35 3.54 9.87
N GLY A 17 -21.78 2.36 10.05
CA GLY A 17 -22.41 1.32 10.83
C GLY A 17 -22.64 1.76 12.26
N ASN A 18 -21.68 2.46 12.82
CA ASN A 18 -21.80 2.99 14.18
C ASN A 18 -22.95 3.98 14.29
N ALA A 19 -23.10 4.84 13.28
CA ALA A 19 -24.15 5.86 13.28
C ALA A 19 -25.51 5.21 13.06
N CYS A 20 -25.55 4.16 12.26
CA CYS A 20 -26.80 3.46 11.96
C CYS A 20 -27.30 2.72 13.20
N TRP A 21 -26.43 1.94 13.82
CA TRP A 21 -26.82 1.11 14.95
C TRP A 21 -27.11 1.94 16.20
N GLU A 22 -26.48 3.10 16.30
CA GLU A 22 -26.80 4.04 17.36
C GLU A 22 -28.24 4.52 17.20
N LEU A 23 -28.61 4.83 15.97
CA LEU A 23 -29.95 5.30 15.67
C LEU A 23 -30.98 4.18 15.79
N TYR A 24 -30.66 3.01 15.23
CA TYR A 24 -31.54 1.85 15.36
C TYR A 24 -31.83 1.57 16.83
N SER A 25 -30.79 1.60 17.66
CA SER A 25 -30.91 1.30 19.08
C SER A 25 -31.80 2.28 19.80
N LEU A 26 -31.85 3.52 19.31
CA LEU A 26 -32.70 4.54 19.89
C LEU A 26 -34.14 4.37 19.43
N GLU A 27 -34.31 4.07 18.14
CA GLU A 27 -35.65 3.92 17.57
C GLU A 27 -36.37 2.69 18.11
N HIS A 28 -35.64 1.80 18.77
CA HIS A 28 -36.21 0.59 19.35
C HIS A 28 -36.09 0.58 20.88
N GLY A 29 -35.68 1.71 21.45
CA GLY A 29 -35.56 1.84 22.89
C GLY A 29 -34.60 0.83 23.50
N ILE A 30 -33.37 0.81 22.99
CA ILE A 30 -32.33 -0.07 23.50
C ILE A 30 -31.08 0.74 23.83
N LYS A 31 -30.57 0.58 25.05
CA LYS A 31 -29.40 1.30 25.50
C LYS A 31 -28.13 0.66 24.94
N PRO A 32 -26.99 1.37 25.02
CA PRO A 32 -25.71 0.83 24.54
C PRO A 32 -25.31 -0.47 25.24
N ASP A 33 -25.97 -0.80 26.36
CA ASP A 33 -25.78 -2.09 27.01
C ASP A 33 -26.28 -3.23 26.12
N GLY A 34 -27.31 -2.94 25.34
CA GLY A 34 -28.09 -3.96 24.67
C GLY A 34 -29.39 -4.17 25.43
N HIS A 35 -29.49 -3.56 26.61
CA HIS A 35 -30.68 -3.66 27.45
C HIS A 35 -31.72 -2.62 27.06
N LEU A 36 -32.98 -2.89 27.42
CA LEU A 36 -34.07 -1.96 27.16
C LEU A 36 -33.97 -0.74 28.07
N GLU A 37 -34.44 0.40 27.57
CA GLU A 37 -34.49 1.63 28.37
C GLU A 37 -35.37 1.42 29.60
N ASP A 38 -35.23 2.30 30.59
CA ASP A 38 -35.98 2.18 31.83
C ASP A 38 -37.48 2.13 31.57
N GLY A 39 -38.13 1.08 32.05
CA GLY A 39 -39.56 0.92 31.90
C GLY A 39 -40.00 0.79 30.45
N LEU A 40 -39.71 -0.36 29.85
CA LEU A 40 -40.10 -0.61 28.45
C LEU A 40 -40.71 -1.99 28.27
N SER A 41 -40.33 -2.94 29.12
CA SER A 41 -40.81 -4.32 29.04
C SER A 41 -40.34 -5.01 27.76
N LYS A 42 -40.75 -4.48 26.62
CA LYS A 42 -40.32 -5.00 25.32
C LYS A 42 -39.84 -3.86 24.42
N PRO A 43 -38.95 -4.15 23.47
CA PRO A 43 -38.47 -3.12 22.54
C PRO A 43 -39.60 -2.58 21.65
N LYS A 44 -39.47 -1.34 21.21
CA LYS A 44 -40.57 -0.64 20.53
C LYS A 44 -41.01 -1.32 19.24
N GLY A 45 -40.04 -1.86 18.50
CA GLY A 45 -40.31 -2.44 17.19
C GLY A 45 -41.31 -3.58 17.19
N GLY A 46 -40.89 -4.74 17.68
CA GLY A 46 -41.72 -5.93 17.63
C GLY A 46 -42.83 -5.91 18.66
N GLU A 47 -43.56 -7.02 18.81
CA GLU A 47 -43.33 -8.25 18.06
C GLU A 47 -43.74 -8.11 16.60
N GLU A 48 -42.76 -8.10 15.71
CA GLU A 48 -42.98 -7.93 14.28
C GLU A 48 -41.66 -7.93 13.52
N GLY A 49 -41.08 -6.76 13.32
CA GLY A 49 -39.88 -6.61 12.51
C GLY A 49 -38.64 -6.29 13.30
N PHE A 50 -38.75 -6.27 14.63
CA PHE A 50 -37.60 -5.96 15.47
C PHE A 50 -36.56 -7.08 15.44
N SER A 51 -37.03 -8.32 15.49
CA SER A 51 -36.14 -9.47 15.46
C SER A 51 -35.39 -9.58 14.14
N THR A 52 -35.84 -8.81 13.15
CA THR A 52 -35.20 -8.80 11.84
C THR A 52 -33.74 -8.35 11.92
N PHE A 53 -33.47 -7.36 12.77
CA PHE A 53 -32.14 -6.75 12.85
C PHE A 53 -31.44 -7.04 14.18
N PHE A 54 -32.22 -7.29 15.22
CA PHE A 54 -31.67 -7.59 16.54
C PHE A 54 -31.91 -9.05 16.93
N HIS A 55 -31.08 -9.55 17.83
CA HIS A 55 -31.19 -10.91 18.34
C HIS A 55 -31.40 -10.90 19.85
N GLU A 56 -32.47 -11.53 20.30
CA GLU A 56 -32.76 -11.63 21.73
C GLU A 56 -32.06 -12.85 22.31
N THR A 57 -31.16 -12.62 23.26
CA THR A 57 -30.32 -13.68 23.80
C THR A 57 -31.08 -14.63 24.72
N GLY A 58 -31.88 -14.05 25.63
CA GLY A 58 -32.64 -14.83 26.59
C GLY A 58 -32.48 -14.33 28.01
N TYR A 59 -31.41 -13.57 28.25
CA TYR A 59 -31.15 -12.99 29.56
C TYR A 59 -31.28 -11.45 29.52
N GLY A 60 -32.26 -10.98 28.77
CA GLY A 60 -32.63 -9.57 28.79
C GLY A 60 -31.76 -8.67 27.94
N LYS A 61 -30.91 -9.25 27.10
CA LYS A 61 -30.03 -8.48 26.22
C LYS A 61 -30.41 -8.64 24.76
N PHE A 62 -30.20 -7.57 23.99
CA PHE A 62 -30.49 -7.58 22.55
C PHE A 62 -29.24 -7.20 21.77
N VAL A 63 -28.84 -8.06 20.83
CA VAL A 63 -27.58 -7.91 20.10
C VAL A 63 -27.85 -7.64 18.62
N PRO A 64 -27.23 -6.59 18.06
CA PRO A 64 -27.36 -6.35 16.62
C PRO A 64 -26.84 -7.50 15.76
N ARG A 65 -27.60 -7.87 14.73
CA ARG A 65 -27.16 -8.88 13.79
C ARG A 65 -26.17 -8.25 12.80
N ALA A 66 -25.00 -7.89 13.32
CA ALA A 66 -24.04 -7.11 12.55
C ALA A 66 -22.65 -7.74 12.51
N ILE A 67 -21.91 -7.44 11.44
CA ILE A 67 -20.52 -7.85 11.29
C ILE A 67 -19.69 -6.66 10.83
N TYR A 68 -18.71 -6.26 11.64
CA TYR A 68 -17.74 -5.25 11.23
C TYR A 68 -16.49 -5.94 10.73
N VAL A 69 -15.95 -5.43 9.62
CA VAL A 69 -14.73 -5.99 9.05
C VAL A 69 -13.82 -4.86 8.58
N ASP A 70 -12.57 -4.90 9.03
CA ASP A 70 -11.57 -3.95 8.58
C ASP A 70 -10.21 -4.60 8.64
N LEU A 71 -9.27 -4.12 7.83
CA LEU A 71 -7.94 -4.69 7.79
C LEU A 71 -6.98 -3.92 8.69
N GLU A 72 -7.51 -2.96 9.45
CA GLU A 72 -6.76 -2.28 10.48
C GLU A 72 -7.61 -2.23 11.76
N PRO A 73 -6.96 -2.31 12.93
CA PRO A 73 -7.71 -2.33 14.19
C PRO A 73 -8.19 -0.96 14.67
N ASN A 74 -7.70 0.10 14.04
CA ASN A 74 -7.91 1.45 14.53
C ASN A 74 -9.38 1.85 14.68
N VAL A 75 -10.14 1.77 13.59
CA VAL A 75 -11.54 2.18 13.60
C VAL A 75 -12.37 1.28 14.52
N ILE A 76 -12.08 -0.01 14.50
CA ILE A 76 -12.84 -0.98 15.27
C ILE A 76 -12.46 -0.92 16.75
N ASP A 77 -11.24 -0.51 17.04
CA ASP A 77 -10.81 -0.35 18.42
C ASP A 77 -11.60 0.76 19.09
N GLU A 78 -12.03 1.75 18.31
CA GLU A 78 -12.87 2.82 18.82
C GLU A 78 -14.24 2.27 19.21
N VAL A 79 -14.65 1.20 18.53
CA VAL A 79 -15.88 0.51 18.87
C VAL A 79 -15.66 -0.36 20.11
N ARG A 80 -14.49 -0.98 20.19
CA ARG A 80 -14.16 -1.85 21.31
C ARG A 80 -13.94 -1.07 22.60
N ASN A 81 -13.66 0.22 22.48
CA ASN A 81 -13.39 1.08 23.63
C ASN A 81 -14.50 2.11 23.85
N GLY A 82 -15.30 2.35 22.82
CA GLY A 82 -16.37 3.33 22.90
C GLY A 82 -17.47 2.93 23.87
N PRO A 83 -18.49 3.78 24.00
CA PRO A 83 -19.64 3.53 24.89
C PRO A 83 -20.53 2.38 24.41
N TYR A 84 -20.32 1.92 23.19
CA TYR A 84 -21.10 0.81 22.63
C TYR A 84 -20.25 -0.46 22.54
N LYS A 85 -19.27 -0.58 23.42
CA LYS A 85 -18.37 -1.72 23.40
C LYS A 85 -19.09 -3.03 23.73
N ASP A 86 -20.24 -2.92 24.41
CA ASP A 86 -20.99 -4.08 24.86
C ASP A 86 -22.17 -4.41 23.96
N LEU A 87 -22.47 -3.53 23.00
CA LEU A 87 -23.59 -3.76 22.10
C LEU A 87 -23.31 -4.97 21.20
N PHE A 88 -22.14 -4.97 20.57
CA PHE A 88 -21.73 -6.06 19.70
C PHE A 88 -20.92 -7.11 20.46
N HIS A 89 -21.17 -8.38 20.19
CA HIS A 89 -20.32 -9.44 20.69
C HIS A 89 -18.92 -9.24 20.12
N PRO A 90 -17.88 -9.55 20.91
CA PRO A 90 -16.51 -9.31 20.43
C PRO A 90 -16.19 -10.08 19.14
N GLU A 91 -16.92 -11.16 18.89
CA GLU A 91 -16.70 -11.97 17.69
C GLU A 91 -17.24 -11.29 16.44
N GLN A 92 -18.18 -10.37 16.63
CA GLN A 92 -18.82 -9.68 15.50
C GLN A 92 -17.90 -8.62 14.90
N LEU A 93 -16.95 -8.14 15.70
CA LEU A 93 -15.98 -7.15 15.25
C LEU A 93 -14.67 -7.82 14.85
N ILE A 94 -14.35 -7.77 13.56
CA ILE A 94 -13.15 -8.41 13.03
C ILE A 94 -12.17 -7.38 12.48
N SER A 95 -10.92 -7.44 12.93
CA SER A 95 -9.90 -6.52 12.47
C SER A 95 -8.62 -7.27 12.09
N GLY A 96 -7.89 -6.74 11.10
CA GLY A 96 -6.61 -7.28 10.70
C GLY A 96 -5.47 -6.55 11.38
N LYS A 97 -4.29 -6.58 10.76
CA LYS A 97 -3.11 -5.91 11.32
C LYS A 97 -2.50 -4.90 10.35
N GLU A 98 -2.81 -5.05 9.06
CA GLU A 98 -2.33 -4.12 8.04
C GLU A 98 -3.39 -3.91 6.96
N ASP A 99 -3.66 -2.65 6.64
CA ASP A 99 -4.77 -2.32 5.75
C ASP A 99 -4.42 -2.42 4.28
N ALA A 100 -5.38 -2.04 3.43
CA ALA A 100 -5.23 -2.15 1.98
C ALA A 100 -4.58 -0.90 1.37
N ALA A 101 -4.28 0.08 2.22
CA ALA A 101 -3.54 1.28 1.81
C ALA A 101 -4.10 1.94 0.54
N ASN A 102 -5.41 2.21 0.54
CA ASN A 102 -6.06 2.87 -0.57
C ASN A 102 -5.89 2.12 -1.89
N ASN A 103 -5.72 0.80 -1.79
CA ASN A 103 -5.43 -0.04 -2.95
C ASN A 103 -6.39 -1.22 -3.03
N TYR A 104 -7.16 -1.26 -4.11
CA TYR A 104 -8.16 -2.31 -4.30
C TYR A 104 -7.51 -3.69 -4.45
N ALA A 105 -6.29 -3.71 -4.94
CA ALA A 105 -5.61 -4.96 -5.25
C ALA A 105 -5.29 -5.76 -4.00
N ARG A 106 -4.73 -5.10 -2.99
CA ARG A 106 -4.32 -5.80 -1.77
C ARG A 106 -5.50 -5.99 -0.83
N GLY A 107 -6.66 -5.44 -1.20
CA GLY A 107 -7.90 -5.73 -0.51
C GLY A 107 -8.58 -6.93 -1.14
N HIS A 108 -8.29 -7.18 -2.41
CA HIS A 108 -8.94 -8.24 -3.17
C HIS A 108 -8.04 -9.46 -3.37
N TYR A 109 -6.75 -9.22 -3.56
CA TYR A 109 -5.83 -10.28 -3.94
C TYR A 109 -4.82 -10.65 -2.85
N THR A 110 -4.39 -9.66 -2.06
CA THR A 110 -3.30 -9.87 -1.11
C THR A 110 -3.80 -9.97 0.34
N VAL A 111 -3.91 -8.82 1.02
CA VAL A 111 -4.10 -8.80 2.46
C VAL A 111 -5.55 -9.11 2.85
N GLY A 112 -6.49 -8.59 2.07
CA GLY A 112 -7.89 -8.84 2.33
C GLY A 112 -8.25 -10.31 2.21
N ARG A 113 -7.39 -11.06 1.52
CA ARG A 113 -7.63 -12.49 1.32
C ARG A 113 -7.18 -13.31 2.53
N GLU A 114 -6.49 -12.65 3.47
CA GLU A 114 -6.00 -13.34 4.66
C GLU A 114 -7.09 -13.45 5.72
N ILE A 115 -7.95 -12.44 5.78
CA ILE A 115 -8.98 -12.36 6.81
C ILE A 115 -10.28 -13.03 6.37
N LEU A 116 -10.39 -13.30 5.07
CA LEU A 116 -11.63 -13.78 4.47
C LEU A 116 -12.18 -15.03 5.15
N GLY A 117 -11.29 -15.89 5.64
CA GLY A 117 -11.71 -17.11 6.30
C GLY A 117 -12.50 -16.83 7.55
N ASP A 118 -12.00 -15.92 8.38
CA ASP A 118 -12.66 -15.57 9.63
C ASP A 118 -14.04 -14.99 9.38
N VAL A 119 -14.12 -14.02 8.48
CA VAL A 119 -15.36 -13.31 8.23
C VAL A 119 -16.48 -14.26 7.82
N LEU A 120 -16.22 -15.09 6.82
CA LEU A 120 -17.20 -16.06 6.33
C LEU A 120 -17.63 -17.01 7.43
N ASP A 121 -16.74 -17.25 8.38
CA ASP A 121 -17.03 -18.12 9.52
C ASP A 121 -18.05 -17.48 10.46
N ARG A 122 -17.79 -16.24 10.86
CA ARG A 122 -18.70 -15.51 11.74
C ARG A 122 -20.06 -15.32 11.07
N ILE A 123 -20.04 -15.07 9.76
CA ILE A 123 -21.26 -14.92 8.99
C ILE A 123 -22.08 -16.20 9.05
N ARG A 124 -21.41 -17.34 8.91
CA ARG A 124 -22.09 -18.63 9.00
C ARG A 124 -22.64 -18.84 10.40
N LYS A 125 -21.88 -18.43 11.41
CA LYS A 125 -22.30 -18.54 12.80
C LYS A 125 -23.55 -17.69 13.05
N LEU A 126 -23.58 -16.50 12.45
CA LEU A 126 -24.72 -15.60 12.59
C LEU A 126 -25.91 -16.10 11.77
N ALA A 127 -25.62 -16.68 10.60
CA ALA A 127 -26.66 -17.18 9.71
C ALA A 127 -27.33 -18.42 10.28
N ASP A 128 -26.60 -19.17 11.11
CA ASP A 128 -27.14 -20.39 11.70
C ASP A 128 -28.07 -20.10 12.87
N GLN A 129 -28.04 -18.88 13.39
CA GLN A 129 -28.93 -18.46 14.46
C GLN A 129 -30.23 -17.87 13.90
N CYS A 130 -30.39 -17.94 12.58
CA CYS A 130 -31.56 -17.38 11.91
C CYS A 130 -32.55 -18.47 11.52
N ASP A 131 -33.82 -18.27 11.84
CA ASP A 131 -34.87 -19.22 11.45
C ASP A 131 -35.16 -19.11 9.96
N GLY A 132 -34.98 -17.92 9.40
CA GLY A 132 -35.20 -17.68 7.99
C GLY A 132 -34.43 -16.49 7.49
N LEU A 133 -33.11 -16.64 7.37
CA LEU A 133 -32.24 -15.57 6.89
C LEU A 133 -32.76 -15.00 5.58
N GLN A 134 -33.04 -13.70 5.58
CA GLN A 134 -33.68 -13.03 4.46
C GLN A 134 -32.65 -12.58 3.43
N GLY A 135 -31.52 -12.07 3.90
CA GLY A 135 -30.49 -11.56 3.02
C GLY A 135 -29.43 -10.79 3.77
N PHE A 136 -28.80 -9.84 3.09
CA PHE A 136 -27.71 -9.06 3.70
C PHE A 136 -27.78 -7.58 3.33
N LEU A 137 -27.30 -6.74 4.26
CA LEU A 137 -27.08 -5.33 3.98
C LEU A 137 -25.57 -5.06 3.96
N PHE A 138 -25.05 -4.75 2.77
CA PHE A 138 -23.62 -4.56 2.60
C PHE A 138 -23.30 -3.06 2.52
N THR A 139 -22.58 -2.56 3.52
CA THR A 139 -22.25 -1.15 3.62
C THR A 139 -20.73 -0.97 3.55
N HIS A 140 -20.29 -0.16 2.60
CA HIS A 140 -18.85 0.04 2.37
C HIS A 140 -18.61 1.21 1.44
N SER A 141 -17.34 1.62 1.34
CA SER A 141 -16.93 2.67 0.40
C SER A 141 -16.32 2.03 -0.84
N LEU A 142 -16.40 2.75 -1.95
CA LEU A 142 -15.82 2.28 -3.21
C LEU A 142 -14.48 2.98 -3.48
N GLY A 143 -14.11 3.90 -2.60
CA GLY A 143 -12.89 4.68 -2.75
C GLY A 143 -11.73 4.14 -1.95
N GLY A 144 -12.03 3.38 -0.90
CA GLY A 144 -11.01 2.81 -0.05
C GLY A 144 -10.37 1.58 -0.67
N GLY A 145 -9.50 0.93 0.10
CA GLY A 145 -8.85 -0.29 -0.33
C GLY A 145 -9.54 -1.52 0.24
N THR A 146 -9.93 -1.42 1.52
CA THR A 146 -10.62 -2.51 2.18
C THR A 146 -12.11 -2.48 1.83
N GLY A 147 -12.67 -1.29 1.71
CA GLY A 147 -14.07 -1.14 1.34
C GLY A 147 -14.33 -1.67 -0.05
N SER A 148 -13.34 -1.52 -0.93
CA SER A 148 -13.48 -1.89 -2.32
C SER A 148 -12.99 -3.31 -2.61
N GLY A 149 -11.79 -3.62 -2.15
CA GLY A 149 -11.16 -4.90 -2.45
C GLY A 149 -11.75 -6.05 -1.66
N LEU A 150 -11.77 -5.91 -0.33
CA LEU A 150 -12.32 -6.95 0.54
C LEU A 150 -13.84 -6.96 0.45
N GLY A 151 -14.42 -5.82 0.13
CA GLY A 151 -15.87 -5.71 0.01
C GLY A 151 -16.41 -6.52 -1.15
N SER A 152 -15.87 -6.28 -2.34
CA SER A 152 -16.28 -7.01 -3.53
C SER A 152 -15.96 -8.49 -3.40
N LEU A 153 -14.86 -8.78 -2.71
CA LEU A 153 -14.44 -10.16 -2.45
C LEU A 153 -15.48 -10.86 -1.59
N LEU A 154 -16.05 -10.12 -0.64
CA LEU A 154 -17.04 -10.65 0.29
C LEU A 154 -18.38 -10.86 -0.40
N LEU A 155 -18.76 -9.94 -1.28
CA LEU A 155 -19.99 -10.07 -2.05
C LEU A 155 -19.92 -11.29 -2.95
N GLU A 156 -18.74 -11.53 -3.53
CA GLU A 156 -18.54 -12.66 -4.41
C GLU A 156 -18.74 -13.97 -3.67
N GLU A 157 -18.16 -14.08 -2.48
CA GLU A 157 -18.29 -15.29 -1.67
C GLU A 157 -19.71 -15.44 -1.12
N LEU A 158 -20.32 -14.33 -0.72
CA LEU A 158 -21.68 -14.34 -0.22
C LEU A 158 -22.66 -14.88 -1.27
N SER A 159 -22.42 -14.53 -2.53
CA SER A 159 -23.25 -14.99 -3.62
C SER A 159 -23.10 -16.49 -3.82
N ALA A 160 -21.92 -17.00 -3.52
CA ALA A 160 -21.63 -18.42 -3.68
C ALA A 160 -22.27 -19.26 -2.58
N GLU A 161 -21.93 -18.93 -1.33
CA GLU A 161 -22.39 -19.71 -0.18
C GLU A 161 -23.87 -19.48 0.13
N TYR A 162 -24.37 -18.32 -0.26
CA TYR A 162 -25.78 -17.97 -0.02
C TYR A 162 -26.42 -17.49 -1.32
N GLY A 163 -26.60 -18.40 -2.26
CA GLY A 163 -27.07 -18.08 -3.58
C GLY A 163 -28.53 -17.63 -3.64
N LYS A 164 -29.35 -18.20 -2.76
CA LYS A 164 -30.78 -17.92 -2.78
C LYS A 164 -31.13 -16.72 -1.90
N LYS A 165 -30.12 -16.12 -1.26
CA LYS A 165 -30.33 -15.00 -0.36
C LYS A 165 -29.99 -13.68 -1.05
N SER A 166 -30.80 -12.66 -0.78
CA SER A 166 -30.65 -11.36 -1.41
C SER A 166 -29.59 -10.52 -0.72
N LYS A 167 -29.05 -9.54 -1.45
CA LYS A 167 -28.03 -8.64 -0.91
C LYS A 167 -28.27 -7.21 -1.37
N LEU A 168 -28.53 -6.32 -0.42
CA LEU A 168 -28.68 -4.91 -0.72
C LEU A 168 -27.41 -4.17 -0.34
N GLU A 169 -26.88 -3.39 -1.26
CA GLU A 169 -25.59 -2.73 -1.08
C GLU A 169 -25.76 -1.24 -0.84
N PHE A 170 -25.03 -0.73 0.15
CA PHE A 170 -24.91 0.71 0.39
C PHE A 170 -23.48 1.13 0.10
N ALA A 171 -23.26 1.69 -1.09
CA ALA A 171 -21.92 2.05 -1.54
C ALA A 171 -21.67 3.54 -1.39
N VAL A 172 -20.58 3.90 -0.71
CA VAL A 172 -20.19 5.29 -0.56
C VAL A 172 -19.33 5.71 -1.75
N TYR A 173 -19.93 6.50 -2.63
CA TYR A 173 -19.25 7.01 -3.82
C TYR A 173 -18.32 8.16 -3.41
N PRO A 174 -17.07 8.16 -3.93
CA PRO A 174 -16.07 9.11 -3.43
C PRO A 174 -16.32 10.56 -3.84
N ALA A 175 -15.91 11.48 -2.98
CA ALA A 175 -16.01 12.91 -3.27
C ALA A 175 -14.68 13.61 -2.97
N PRO A 176 -14.35 14.65 -3.76
CA PRO A 176 -13.06 15.33 -3.58
C PRO A 176 -12.98 16.17 -2.31
N GLN A 177 -14.13 16.59 -1.79
CA GLN A 177 -14.17 17.41 -0.58
C GLN A 177 -13.66 16.65 0.64
N VAL A 178 -13.76 15.33 0.59
CA VAL A 178 -13.35 14.48 1.71
C VAL A 178 -12.59 13.26 1.22
N SER A 179 -11.75 13.44 0.21
CA SER A 179 -10.98 12.34 -0.36
C SER A 179 -9.80 11.99 0.54
N THR A 180 -9.45 10.72 0.56
CA THR A 180 -8.31 10.22 1.35
C THR A 180 -7.22 9.65 0.45
N SER A 181 -7.47 9.63 -0.85
CA SER A 181 -6.50 9.10 -1.80
C SER A 181 -6.72 9.65 -3.20
N VAL A 182 -5.68 9.54 -4.03
CA VAL A 182 -5.73 10.04 -5.40
C VAL A 182 -6.26 8.98 -6.37
N VAL A 183 -6.15 7.72 -5.97
CA VAL A 183 -6.55 6.60 -6.83
C VAL A 183 -7.94 6.07 -6.49
N GLU A 184 -8.79 6.92 -5.94
CA GLU A 184 -10.15 6.53 -5.60
C GLU A 184 -11.00 6.19 -6.84
N PRO A 185 -10.81 6.93 -7.95
CA PRO A 185 -11.53 6.57 -9.17
C PRO A 185 -11.19 5.18 -9.69
N TYR A 186 -9.96 4.73 -9.50
CA TYR A 186 -9.56 3.38 -9.88
C TYR A 186 -10.32 2.36 -9.06
N ASN A 187 -10.26 2.51 -7.74
CA ASN A 187 -10.91 1.57 -6.84
C ASN A 187 -12.42 1.51 -7.09
N THR A 188 -13.02 2.66 -7.38
CA THR A 188 -14.46 2.74 -7.59
C THR A 188 -14.90 1.97 -8.83
N VAL A 189 -14.17 2.15 -9.93
CA VAL A 189 -14.51 1.47 -11.19
C VAL A 189 -14.30 -0.04 -11.06
N LEU A 190 -13.22 -0.43 -10.39
CA LEU A 190 -12.92 -1.85 -10.19
C LEU A 190 -13.99 -2.52 -9.34
N THR A 191 -14.42 -1.85 -8.28
CA THR A 191 -15.41 -2.41 -7.36
C THR A 191 -16.74 -2.58 -8.05
N THR A 192 -17.12 -1.57 -8.84
CA THR A 192 -18.38 -1.60 -9.57
C THR A 192 -18.39 -2.81 -10.49
N HIS A 193 -17.27 -3.07 -11.15
CA HIS A 193 -17.13 -4.20 -12.06
C HIS A 193 -17.35 -5.54 -11.36
N THR A 194 -16.63 -5.75 -10.26
CA THR A 194 -16.62 -7.05 -9.58
C THR A 194 -17.77 -7.21 -8.58
N THR A 195 -18.70 -6.26 -8.57
CA THR A 195 -19.89 -6.34 -7.73
C THR A 195 -21.16 -6.05 -8.51
N LEU A 196 -21.01 -5.87 -9.82
CA LEU A 196 -22.16 -5.57 -10.67
C LEU A 196 -23.08 -6.78 -10.81
N GLU A 197 -22.56 -7.97 -10.50
CA GLU A 197 -23.32 -9.21 -10.62
C GLU A 197 -23.54 -9.91 -9.27
N HIS A 198 -23.05 -9.30 -8.21
CA HIS A 198 -23.14 -9.90 -6.87
C HIS A 198 -23.88 -8.97 -5.91
N ALA A 199 -24.90 -8.30 -6.43
CA ALA A 199 -25.73 -7.42 -5.62
C ALA A 199 -27.09 -7.27 -6.29
N ASP A 200 -28.16 -7.49 -5.53
CA ASP A 200 -29.51 -7.42 -6.07
C ASP A 200 -29.96 -5.97 -6.22
N CYS A 201 -29.55 -5.12 -5.28
CA CYS A 201 -29.89 -3.70 -5.31
C CYS A 201 -28.76 -2.87 -4.69
N THR A 202 -28.36 -1.80 -5.38
CA THR A 202 -27.28 -0.95 -4.92
C THR A 202 -27.75 0.49 -4.73
N PHE A 203 -27.65 0.98 -3.50
CA PHE A 203 -27.97 2.37 -3.20
C PHE A 203 -26.70 3.20 -3.09
N MET A 204 -26.45 4.01 -4.11
CA MET A 204 -25.25 4.83 -4.15
C MET A 204 -25.37 6.02 -3.22
N VAL A 205 -24.26 6.36 -2.55
CA VAL A 205 -24.21 7.52 -1.66
C VAL A 205 -23.01 8.38 -2.02
N ASP A 206 -23.25 9.42 -2.81
CA ASP A 206 -22.22 10.38 -3.17
C ASP A 206 -21.91 11.29 -1.98
N ASN A 207 -20.70 11.19 -1.45
CA ASN A 207 -20.29 12.00 -0.32
C ASN A 207 -20.34 13.48 -0.64
N GLU A 208 -20.23 13.82 -1.92
CA GLU A 208 -20.29 15.21 -2.35
C GLU A 208 -21.71 15.74 -2.14
N ALA A 209 -22.70 14.87 -2.31
CA ALA A 209 -24.09 15.25 -2.11
C ALA A 209 -24.39 15.44 -0.63
N ILE A 210 -23.89 14.52 0.19
CA ILE A 210 -24.13 14.58 1.63
C ILE A 210 -23.36 15.73 2.24
N TYR A 211 -22.14 15.97 1.73
CA TYR A 211 -21.31 17.06 2.18
C TYR A 211 -21.99 18.40 1.91
N ASP A 212 -22.52 18.55 0.70
CA ASP A 212 -23.21 19.77 0.31
C ASP A 212 -24.52 19.93 1.06
N MET A 213 -25.15 18.82 1.42
CA MET A 213 -26.41 18.87 2.17
C MET A 213 -26.13 19.35 3.58
N CYS A 214 -25.09 18.81 4.20
CA CYS A 214 -24.68 19.24 5.54
C CYS A 214 -24.25 20.71 5.52
N LYS A 215 -23.69 21.14 4.40
CA LYS A 215 -23.16 22.50 4.27
C LYS A 215 -24.29 23.50 4.04
N ARG A 216 -25.24 23.13 3.19
CA ARG A 216 -26.36 24.01 2.85
C ARG A 216 -27.47 23.94 3.89
N ASN A 217 -28.10 22.78 4.01
CA ASN A 217 -29.24 22.62 4.91
C ASN A 217 -28.88 22.85 6.37
N LEU A 218 -27.93 22.10 6.88
CA LEU A 218 -27.57 22.15 8.30
C LEU A 218 -26.61 23.29 8.61
N ASP A 219 -26.09 23.92 7.56
CA ASP A 219 -25.25 25.12 7.71
C ASP A 219 -23.98 24.81 8.50
N ILE A 220 -23.24 23.80 8.07
CA ILE A 220 -21.96 23.45 8.67
C ILE A 220 -20.85 23.81 7.68
N PRO A 221 -19.93 24.71 8.06
CA PRO A 221 -18.94 25.21 7.09
C PRO A 221 -17.95 24.15 6.63
N ARG A 222 -17.70 23.15 7.46
CA ARG A 222 -16.81 22.06 7.11
C ARG A 222 -17.27 20.79 7.82
N PRO A 223 -18.26 20.10 7.24
CA PRO A 223 -18.79 18.91 7.90
C PRO A 223 -17.76 17.79 8.01
N SER A 224 -17.73 17.13 9.16
CA SER A 224 -16.86 15.98 9.37
C SER A 224 -17.57 14.72 8.91
N PHE A 225 -16.87 13.60 8.94
CA PHE A 225 -17.48 12.31 8.62
C PHE A 225 -18.66 12.04 9.56
N ALA A 226 -18.56 12.53 10.79
CA ALA A 226 -19.61 12.35 11.77
C ALA A 226 -20.90 13.05 11.33
N ASN A 227 -20.77 14.23 10.74
CA ASN A 227 -21.92 14.95 10.22
C ASN A 227 -22.54 14.20 9.04
N LEU A 228 -21.68 13.73 8.15
CA LEU A 228 -22.12 12.97 6.99
C LEU A 228 -22.86 11.70 7.42
N ASN A 229 -22.28 10.97 8.36
CA ASN A 229 -22.83 9.69 8.81
C ASN A 229 -24.17 9.87 9.53
N ASN A 230 -24.32 10.98 10.24
CA ASN A 230 -25.56 11.26 10.94
C ASN A 230 -26.72 11.43 9.96
N LEU A 231 -26.44 12.07 8.83
CA LEU A 231 -27.45 12.25 7.79
C LEU A 231 -27.69 10.93 7.06
N ILE A 232 -26.60 10.24 6.73
CA ILE A 232 -26.68 8.95 6.04
C ILE A 232 -27.48 7.95 6.86
N ALA A 233 -27.20 7.87 8.16
CA ALA A 233 -27.89 6.95 9.05
C ALA A 233 -29.38 7.27 9.10
N GLN A 234 -29.71 8.54 8.89
CA GLN A 234 -31.10 8.97 8.89
C GLN A 234 -31.82 8.43 7.66
N VAL A 235 -31.11 8.42 6.53
CA VAL A 235 -31.66 7.91 5.29
C VAL A 235 -31.79 6.38 5.35
N VAL A 236 -30.70 5.71 5.70
CA VAL A 236 -30.70 4.24 5.79
C VAL A 236 -31.77 3.76 6.76
N SER A 237 -31.95 4.48 7.86
CA SER A 237 -32.97 4.15 8.84
C SER A 237 -34.35 4.23 8.21
N SER A 238 -34.57 5.28 7.43
CA SER A 238 -35.84 5.49 6.75
C SER A 238 -36.14 4.36 5.77
N VAL A 239 -35.11 3.88 5.09
CA VAL A 239 -35.25 2.81 4.10
C VAL A 239 -35.59 1.49 4.79
N THR A 240 -34.88 1.20 5.88
CA THR A 240 -35.06 -0.06 6.60
C THR A 240 -36.23 0.01 7.59
N ALA A 241 -36.97 1.11 7.57
CA ALA A 241 -38.05 1.33 8.53
C ALA A 241 -39.21 0.35 8.31
N SER A 242 -39.54 0.10 7.05
CA SER A 242 -40.63 -0.80 6.70
C SER A 242 -40.34 -2.23 7.15
N LEU A 243 -39.06 -2.59 7.15
CA LEU A 243 -38.64 -3.92 7.58
C LEU A 243 -38.66 -4.03 9.10
N ARG A 244 -38.18 -2.98 9.76
CA ARG A 244 -38.03 -2.97 11.22
C ARG A 244 -39.33 -2.65 11.94
N PHE A 245 -40.28 -2.06 11.22
CA PHE A 245 -41.58 -1.71 11.78
C PHE A 245 -42.69 -2.20 10.85
N ASP A 246 -43.90 -1.66 11.02
CA ASP A 246 -45.04 -2.02 10.18
C ASP A 246 -45.11 -1.11 8.97
N GLY A 247 -44.97 -1.70 7.79
CA GLY A 247 -45.01 -0.96 6.54
C GLY A 247 -45.93 -1.60 5.53
N SER A 248 -46.28 -0.85 4.48
CA SER A 248 -47.18 -1.33 3.44
C SER A 248 -46.46 -1.48 2.11
N LEU A 249 -45.16 -1.18 2.09
CA LEU A 249 -44.36 -1.36 0.87
C LEU A 249 -42.89 -1.55 1.25
N ASN A 250 -42.17 -2.31 0.43
CA ASN A 250 -40.77 -2.64 0.68
C ASN A 250 -40.57 -3.24 2.07
N VAL A 251 -41.49 -4.13 2.44
CA VAL A 251 -41.41 -4.84 3.72
C VAL A 251 -40.59 -6.11 3.58
N ASP A 252 -39.77 -6.17 2.53
CA ASP A 252 -39.01 -7.36 2.21
C ASP A 252 -37.83 -6.98 1.34
N LEU A 253 -36.66 -7.55 1.61
CA LEU A 253 -35.47 -7.29 0.80
C LEU A 253 -35.71 -7.61 -0.66
N ASN A 254 -36.64 -8.53 -0.90
CA ASN A 254 -36.95 -8.97 -2.26
C ASN A 254 -37.88 -7.99 -2.97
N GLU A 255 -38.66 -7.23 -2.21
CA GLU A 255 -39.59 -6.27 -2.79
C GLU A 255 -38.87 -5.06 -3.38
N PHE A 256 -37.64 -4.81 -2.93
CA PHE A 256 -36.82 -3.75 -3.51
C PHE A 256 -36.45 -4.11 -4.95
N GLN A 257 -36.04 -5.34 -5.15
CA GLN A 257 -35.71 -5.83 -6.49
C GLN A 257 -36.95 -5.76 -7.36
N THR A 258 -38.02 -6.40 -6.88
CA THR A 258 -39.28 -6.49 -7.62
C THR A 258 -39.80 -5.12 -8.07
N ASN A 259 -39.71 -4.14 -7.18
CA ASN A 259 -40.34 -2.84 -7.41
C ASN A 259 -39.45 -1.80 -8.11
N LEU A 260 -38.13 -2.03 -8.14
CA LEU A 260 -37.20 -1.02 -8.65
C LEU A 260 -36.39 -1.46 -9.86
N VAL A 261 -35.95 -2.72 -9.91
CA VAL A 261 -35.10 -3.17 -11.02
C VAL A 261 -35.96 -3.89 -12.08
N PRO A 262 -35.86 -3.44 -13.34
CA PRO A 262 -36.48 -4.21 -14.44
C PRO A 262 -35.55 -5.32 -14.93
N TYR A 263 -34.27 -4.99 -15.06
CA TYR A 263 -33.26 -5.94 -15.49
C TYR A 263 -32.13 -6.00 -14.46
N PRO A 264 -31.45 -7.15 -14.35
CA PRO A 264 -30.46 -7.37 -13.28
C PRO A 264 -29.40 -6.27 -13.17
N ARG A 265 -28.89 -5.78 -14.29
CA ARG A 265 -27.82 -4.79 -14.25
C ARG A 265 -28.33 -3.41 -13.83
N ILE A 266 -29.59 -3.11 -14.15
CA ILE A 266 -30.17 -1.82 -13.82
C ILE A 266 -30.70 -1.83 -12.38
N HIS A 267 -29.79 -1.90 -11.42
CA HIS A 267 -30.16 -2.00 -10.00
C HIS A 267 -29.53 -0.90 -9.16
N PHE A 268 -29.53 0.33 -9.68
CA PHE A 268 -28.94 1.47 -8.97
C PHE A 268 -29.94 2.61 -8.77
N PRO A 269 -30.88 2.45 -7.81
CA PRO A 269 -31.86 3.50 -7.54
C PRO A 269 -31.25 4.81 -7.00
N LEU A 270 -31.88 5.92 -7.36
CA LEU A 270 -31.52 7.22 -6.83
C LEU A 270 -32.35 7.53 -5.59
N VAL A 271 -31.69 7.73 -4.46
CA VAL A 271 -32.37 8.00 -3.20
C VAL A 271 -32.58 9.50 -3.00
N SER A 272 -33.77 9.85 -2.51
CA SER A 272 -34.09 11.22 -2.14
C SER A 272 -34.67 11.20 -0.72
N TYR A 273 -34.41 12.25 0.05
CA TYR A 273 -34.89 12.33 1.42
C TYR A 273 -35.31 13.75 1.78
N SER A 274 -36.37 13.86 2.58
CA SER A 274 -36.88 15.16 3.01
C SER A 274 -37.78 14.97 4.23
N PRO A 275 -37.72 15.90 5.20
CA PRO A 275 -36.90 17.11 5.25
C PRO A 275 -35.54 16.90 5.92
N VAL A 276 -34.59 17.76 5.58
CA VAL A 276 -33.29 17.79 6.23
C VAL A 276 -33.09 19.16 6.88
N LEU A 277 -33.31 19.22 8.18
CA LEU A 277 -33.31 20.48 8.92
C LEU A 277 -32.42 20.42 10.16
N SER A 278 -31.84 21.56 10.51
CA SER A 278 -30.98 21.67 11.69
C SER A 278 -31.80 22.01 12.93
N LYS A 279 -31.24 21.69 14.09
CA LYS A 279 -31.87 22.01 15.37
C LYS A 279 -32.16 23.49 15.49
N SER A 280 -31.21 24.31 15.04
CA SER A 280 -31.39 25.76 15.01
C SER A 280 -32.52 26.15 14.07
N SER A 288 -44.59 19.54 6.18
CA SER A 288 -45.82 19.14 5.51
C SER A 288 -45.56 18.05 4.49
N VAL A 289 -46.58 17.24 4.20
CA VAL A 289 -46.45 16.13 3.27
C VAL A 289 -46.23 16.61 1.84
N SER A 290 -47.04 17.59 1.43
CA SER A 290 -46.99 18.09 0.07
C SER A 290 -45.60 18.64 -0.27
N GLU A 291 -45.01 19.35 0.68
CA GLU A 291 -43.73 20.01 0.46
C GLU A 291 -42.56 19.02 0.36
N ILE A 292 -42.52 18.06 1.26
CA ILE A 292 -41.43 17.09 1.28
C ILE A 292 -41.51 16.12 0.10
N THR A 293 -42.73 15.83 -0.34
CA THR A 293 -42.95 14.94 -1.48
C THR A 293 -42.45 15.60 -2.76
N ASN A 294 -42.71 16.90 -2.89
CA ASN A 294 -42.27 17.65 -4.05
C ASN A 294 -40.76 17.92 -4.01
N ALA A 295 -40.19 17.85 -2.81
CA ALA A 295 -38.76 18.12 -2.63
C ALA A 295 -37.90 16.98 -3.19
N CYS A 296 -38.47 15.79 -3.25
CA CYS A 296 -37.72 14.62 -3.73
C CYS A 296 -37.38 14.72 -5.21
N PHE A 297 -38.08 15.60 -5.93
CA PHE A 297 -37.89 15.74 -7.36
C PHE A 297 -37.11 17.01 -7.71
N GLU A 298 -36.41 17.56 -6.72
CA GLU A 298 -35.60 18.76 -6.93
C GLU A 298 -34.12 18.45 -6.64
N PRO A 299 -33.20 19.12 -7.35
CA PRO A 299 -31.76 18.78 -7.39
C PRO A 299 -31.05 18.61 -6.04
N GLY A 300 -31.47 19.34 -5.01
CA GLY A 300 -30.72 19.39 -3.77
C GLY A 300 -31.17 18.43 -2.68
N ASN A 301 -31.86 17.37 -3.05
CA ASN A 301 -32.42 16.43 -2.08
C ASN A 301 -32.09 14.97 -2.37
N GLN A 302 -31.12 14.75 -3.27
CA GLN A 302 -30.72 13.40 -3.63
C GLN A 302 -29.41 13.00 -2.98
N MET A 303 -29.20 11.69 -2.84
CA MET A 303 -27.97 11.17 -2.25
C MET A 303 -26.83 11.16 -3.27
N VAL A 304 -27.17 11.44 -4.53
CA VAL A 304 -26.17 11.51 -5.59
C VAL A 304 -26.29 12.86 -6.30
N LYS A 305 -25.14 13.50 -6.52
CA LYS A 305 -25.10 14.79 -7.21
C LYS A 305 -25.59 14.68 -8.64
N CYS A 306 -26.83 15.10 -8.86
CA CYS A 306 -27.41 15.11 -10.18
C CYS A 306 -28.71 15.90 -10.17
N ASP A 307 -29.27 16.14 -11.35
CA ASP A 307 -30.54 16.84 -11.48
C ASP A 307 -31.63 15.83 -11.86
N PRO A 308 -32.51 15.47 -10.91
CA PRO A 308 -33.56 14.49 -11.20
C PRO A 308 -34.48 14.92 -12.33
N ARG A 309 -34.56 16.23 -12.55
CA ARG A 309 -35.41 16.78 -13.60
C ARG A 309 -34.89 16.37 -14.97
N ASP A 310 -33.62 15.98 -15.04
CA ASP A 310 -33.05 15.40 -16.24
C ASP A 310 -33.30 13.90 -16.22
N GLY A 311 -33.10 13.23 -17.35
CA GLY A 311 -33.30 11.80 -17.43
C GLY A 311 -34.74 11.40 -17.18
N LYS A 312 -34.99 10.09 -17.14
CA LYS A 312 -36.34 9.55 -17.03
C LYS A 312 -36.48 8.57 -15.87
N TYR A 313 -37.65 8.56 -15.24
CA TYR A 313 -37.96 7.63 -14.17
C TYR A 313 -38.51 6.33 -14.73
N MET A 314 -38.07 5.20 -14.18
CA MET A 314 -38.51 3.88 -14.63
C MET A 314 -39.35 3.20 -13.56
N ALA A 315 -39.01 3.46 -12.31
CA ALA A 315 -39.75 2.91 -11.17
C ALA A 315 -39.60 3.85 -9.98
N THR A 316 -40.45 3.69 -8.97
CA THR A 316 -40.44 4.58 -7.81
C THR A 316 -41.09 3.95 -6.58
N CYS A 317 -40.56 4.28 -5.42
CA CYS A 317 -41.12 3.85 -4.15
C CYS A 317 -41.02 4.96 -3.09
N LEU A 318 -42.13 5.65 -2.85
CA LEU A 318 -42.17 6.70 -1.83
C LEU A 318 -42.46 6.10 -0.46
N LEU A 319 -41.49 6.18 0.44
CA LEU A 319 -41.62 5.62 1.78
C LEU A 319 -41.79 6.72 2.82
N TYR A 320 -43.03 6.92 3.26
CA TYR A 320 -43.34 7.94 4.25
C TYR A 320 -43.17 7.42 5.67
N ARG A 321 -42.83 8.32 6.59
CA ARG A 321 -42.67 7.98 8.00
C ARG A 321 -43.43 8.96 8.89
N GLY A 322 -43.82 8.48 10.08
CA GLY A 322 -44.38 9.35 11.10
C GLY A 322 -45.82 9.76 10.88
N ASP A 323 -46.18 10.92 11.42
CA ASP A 323 -47.54 11.43 11.34
C ASP A 323 -47.98 11.66 9.90
N VAL A 324 -48.57 10.63 9.30
CA VAL A 324 -49.00 10.69 7.91
C VAL A 324 -50.40 10.08 7.75
N VAL A 325 -51.24 10.78 7.01
CA VAL A 325 -52.59 10.32 6.72
C VAL A 325 -52.71 10.09 5.22
N THR A 326 -53.29 8.95 4.84
CA THR A 326 -53.33 8.50 3.45
C THR A 326 -53.90 9.57 2.50
N ARG A 327 -54.83 10.38 3.00
CA ARG A 327 -55.44 11.43 2.18
C ARG A 327 -54.41 12.44 1.71
N ASP A 328 -53.58 12.94 2.63
CA ASP A 328 -52.58 13.96 2.30
C ASP A 328 -51.53 13.43 1.34
N VAL A 329 -51.26 12.13 1.38
CA VAL A 329 -50.22 11.54 0.53
C VAL A 329 -50.83 11.16 -0.83
N GLN A 330 -52.07 10.69 -0.82
CA GLN A 330 -52.76 10.39 -2.08
C GLN A 330 -52.89 11.65 -2.91
N ARG A 331 -53.12 12.78 -2.23
CA ARG A 331 -53.18 14.08 -2.89
C ARG A 331 -51.81 14.45 -3.43
N ALA A 332 -50.80 14.34 -2.58
CA ALA A 332 -49.44 14.74 -2.93
C ALA A 332 -48.89 13.92 -4.10
N VAL A 333 -49.22 12.63 -4.13
CA VAL A 333 -48.74 11.75 -5.19
C VAL A 333 -49.39 12.11 -6.53
N GLU A 334 -50.70 12.29 -6.54
CA GLU A 334 -51.39 12.62 -7.78
C GLU A 334 -51.01 14.03 -8.22
N GLN A 335 -50.62 14.86 -7.25
CA GLN A 335 -50.17 16.22 -7.54
C GLN A 335 -48.91 16.17 -8.39
N VAL A 336 -48.05 15.19 -8.10
CA VAL A 336 -46.80 15.01 -8.85
C VAL A 336 -47.10 14.47 -10.25
N LYS A 337 -48.05 13.54 -10.35
CA LYS A 337 -48.41 12.99 -11.64
C LYS A 337 -49.19 13.99 -12.48
N ASN A 338 -50.28 14.50 -11.91
CA ASN A 338 -51.25 15.31 -12.65
C ASN A 338 -50.67 16.56 -13.28
N LYS A 339 -50.10 17.44 -12.45
CA LYS A 339 -49.51 18.68 -12.95
C LYS A 339 -48.27 18.35 -13.81
N LYS A 340 -47.81 17.11 -13.69
CA LYS A 340 -46.88 16.50 -14.64
C LYS A 340 -45.41 16.75 -14.32
N THR A 341 -44.81 15.79 -13.62
CA THR A 341 -43.37 15.64 -13.58
C THR A 341 -43.08 14.26 -14.18
N VAL A 342 -43.30 14.15 -15.48
CA VAL A 342 -43.34 12.88 -16.17
C VAL A 342 -42.94 13.05 -17.65
N GLN A 343 -41.68 12.76 -18.04
CA GLN A 343 -40.55 12.33 -17.20
C GLN A 343 -40.71 10.91 -16.65
N LEU A 344 -41.73 10.20 -17.09
CA LEU A 344 -41.91 8.78 -16.77
C LEU A 344 -41.88 7.96 -18.06
N VAL A 345 -41.09 6.90 -18.08
CA VAL A 345 -40.94 6.06 -19.27
C VAL A 345 -42.30 5.50 -19.68
N ASP A 346 -42.51 5.36 -20.98
CA ASP A 346 -43.81 4.98 -21.51
C ASP A 346 -44.12 3.49 -21.32
N TRP A 347 -43.11 2.72 -20.90
CA TRP A 347 -43.26 1.27 -20.77
C TRP A 347 -43.38 0.81 -19.32
N CYS A 348 -43.40 1.77 -18.38
CA CYS A 348 -43.67 1.44 -16.98
C CYS A 348 -45.17 1.33 -16.75
N PRO A 349 -45.66 0.16 -16.29
CA PRO A 349 -47.11 -0.02 -16.15
C PRO A 349 -47.67 0.80 -14.99
N THR A 350 -47.73 0.23 -13.79
CA THR A 350 -48.09 0.99 -12.60
C THR A 350 -46.94 1.94 -12.28
N GLY A 351 -47.28 3.20 -12.00
CA GLY A 351 -46.28 4.23 -11.81
C GLY A 351 -45.62 4.18 -10.45
N PHE A 352 -45.98 5.14 -9.60
CA PHE A 352 -45.39 5.27 -8.28
C PHE A 352 -46.03 4.32 -7.27
N LYS A 353 -45.21 3.69 -6.44
CA LYS A 353 -45.68 2.83 -5.37
C LYS A 353 -45.48 3.51 -4.03
N ILE A 354 -46.48 3.47 -3.16
CA ILE A 354 -46.47 4.21 -1.91
C ILE A 354 -46.29 3.27 -0.70
N GLY A 355 -45.67 3.79 0.36
CA GLY A 355 -45.45 3.04 1.57
C GLY A 355 -45.43 3.96 2.79
N ILE A 356 -46.11 3.55 3.85
CA ILE A 356 -46.22 4.35 5.06
C ILE A 356 -45.79 3.56 6.30
N CYS A 357 -45.03 4.23 7.16
CA CYS A 357 -44.60 3.66 8.44
C CYS A 357 -44.85 4.67 9.55
N TYR A 358 -45.95 4.48 10.27
CA TYR A 358 -46.43 5.48 11.23
C TYR A 358 -45.45 5.78 12.36
N GLU A 359 -44.41 4.96 12.50
CA GLU A 359 -43.39 5.21 13.52
C GLU A 359 -42.65 6.50 13.22
N PRO A 360 -42.63 7.45 14.17
CA PRO A 360 -42.03 8.75 13.86
C PRO A 360 -40.51 8.68 13.64
N PRO A 361 -39.98 9.50 12.74
CA PRO A 361 -38.53 9.51 12.52
C PRO A 361 -37.79 10.04 13.74
N THR A 362 -36.56 9.56 13.96
CA THR A 362 -35.80 9.89 15.15
C THR A 362 -34.43 10.45 14.82
N ALA A 363 -33.98 11.40 15.63
CA ALA A 363 -32.65 11.98 15.50
C ALA A 363 -31.93 11.85 16.84
N THR A 364 -30.66 11.45 16.79
CA THR A 364 -29.87 11.26 18.00
C THR A 364 -29.57 12.60 18.65
N PRO A 365 -29.47 12.63 19.99
CA PRO A 365 -29.16 13.89 20.69
C PRO A 365 -27.77 14.40 20.34
N ASN A 366 -26.82 13.48 20.19
CA ASN A 366 -25.45 13.84 19.82
C ASN A 366 -25.31 14.08 18.33
N SER A 367 -26.10 15.01 17.80
CA SER A 367 -26.06 15.34 16.38
C SER A 367 -26.57 16.77 16.15
N GLN A 368 -26.68 17.14 14.87
CA GLN A 368 -27.10 18.49 14.49
C GLN A 368 -28.41 18.45 13.71
N LEU A 369 -29.12 17.33 13.80
CA LEU A 369 -30.37 17.15 13.06
C LEU A 369 -31.59 17.39 13.94
N ALA A 370 -32.61 18.01 13.36
CA ALA A 370 -33.84 18.30 14.09
C ALA A 370 -34.81 17.12 14.02
N THR A 371 -35.50 16.85 15.12
CA THR A 371 -36.55 15.83 15.14
C THR A 371 -37.78 16.36 14.40
N VAL A 372 -38.31 15.53 13.50
CA VAL A 372 -39.42 15.94 12.63
C VAL A 372 -40.64 15.04 12.87
N ASP A 373 -41.82 15.59 12.64
CA ASP A 373 -43.07 14.86 12.84
C ASP A 373 -43.25 13.78 11.77
N ARG A 374 -42.96 14.15 10.53
CA ARG A 374 -43.09 13.23 9.40
C ARG A 374 -41.96 13.45 8.39
N ALA A 375 -41.51 12.37 7.76
CA ALA A 375 -40.45 12.45 6.74
C ALA A 375 -40.73 11.46 5.63
N VAL A 376 -40.17 11.74 4.44
CA VAL A 376 -40.35 10.87 3.28
C VAL A 376 -39.01 10.50 2.64
N CYS A 377 -38.98 9.35 1.99
CA CYS A 377 -37.79 8.89 1.28
C CYS A 377 -38.19 8.21 -0.03
N MET A 378 -37.73 8.77 -1.15
CA MET A 378 -38.08 8.24 -2.46
C MET A 378 -36.93 7.44 -3.06
N LEU A 379 -37.24 6.20 -3.47
CA LEU A 379 -36.29 5.34 -4.14
C LEU A 379 -36.70 5.18 -5.60
N SER A 380 -36.00 5.87 -6.49
CA SER A 380 -36.37 5.92 -7.90
C SER A 380 -35.23 5.43 -8.80
N ASN A 381 -35.57 4.53 -9.72
CA ASN A 381 -34.61 4.04 -10.68
C ASN A 381 -34.56 4.95 -11.91
N THR A 382 -33.83 6.05 -11.79
CA THR A 382 -33.75 7.07 -12.83
C THR A 382 -32.42 7.00 -13.57
N THR A 383 -32.41 7.47 -14.82
CA THR A 383 -31.21 7.40 -15.66
C THR A 383 -30.23 8.52 -15.36
N SER A 384 -30.66 9.52 -14.59
CA SER A 384 -29.82 10.66 -14.30
C SER A 384 -28.68 10.30 -13.35
N ILE A 385 -28.73 9.09 -12.80
CA ILE A 385 -27.68 8.62 -11.91
C ILE A 385 -26.43 8.25 -12.70
N ALA A 386 -26.58 8.13 -14.02
CA ALA A 386 -25.45 7.83 -14.90
C ALA A 386 -24.41 8.95 -14.87
N GLU A 387 -24.81 10.12 -14.39
CA GLU A 387 -23.88 11.24 -14.23
C GLU A 387 -22.78 10.87 -13.25
N ALA A 388 -23.13 10.10 -12.23
CA ALA A 388 -22.18 9.68 -11.21
C ALA A 388 -21.06 8.85 -11.81
N TRP A 389 -21.40 7.97 -12.74
CA TRP A 389 -20.43 7.12 -13.42
C TRP A 389 -19.67 7.89 -14.49
N LYS A 390 -20.31 8.89 -15.08
CA LYS A 390 -19.66 9.71 -16.09
C LYS A 390 -18.56 10.55 -15.45
N ARG A 391 -18.86 11.13 -14.29
CA ARG A 391 -17.88 11.97 -13.59
C ARG A 391 -16.67 11.17 -13.12
N ILE A 392 -16.91 9.93 -12.67
CA ILE A 392 -15.80 9.08 -12.22
C ILE A 392 -15.06 8.50 -13.43
N ASP A 393 -15.75 8.41 -14.56
CA ASP A 393 -15.15 7.89 -15.78
C ASP A 393 -14.10 8.83 -16.35
N ARG A 394 -14.36 10.13 -16.28
CA ARG A 394 -13.40 11.11 -16.76
C ARG A 394 -12.16 11.11 -15.88
N LYS A 395 -12.37 10.99 -14.58
CA LYS A 395 -11.27 10.88 -13.63
C LYS A 395 -10.41 9.64 -13.93
N PHE A 396 -11.09 8.52 -14.16
CA PHE A 396 -10.43 7.26 -14.45
C PHE A 396 -9.62 7.35 -15.73
N ASP A 397 -10.24 7.86 -16.78
CA ASP A 397 -9.62 7.91 -18.10
C ASP A 397 -8.39 8.81 -18.14
N LEU A 398 -8.48 9.96 -17.47
CA LEU A 398 -7.37 10.90 -17.43
C LEU A 398 -6.10 10.26 -16.87
N MET A 399 -6.24 9.54 -15.77
CA MET A 399 -5.11 8.88 -15.13
C MET A 399 -4.68 7.64 -15.92
N TYR A 400 -5.65 6.82 -16.31
CA TYR A 400 -5.32 5.53 -16.94
C TYR A 400 -4.70 5.72 -18.32
N ALA A 401 -5.00 6.84 -18.96
CA ALA A 401 -4.40 7.14 -20.26
C ALA A 401 -2.89 7.22 -20.16
N LYS A 402 -2.38 7.45 -18.95
CA LYS A 402 -0.95 7.52 -18.70
C LYS A 402 -0.47 6.35 -17.85
N ARG A 403 -1.36 5.42 -17.55
CA ARG A 403 -1.06 4.28 -16.67
C ARG A 403 -0.50 4.75 -15.34
N ALA A 404 -1.03 5.87 -14.84
CA ALA A 404 -0.59 6.44 -13.58
C ALA A 404 -1.06 5.57 -12.40
N PHE A 405 -0.16 5.30 -11.47
CA PHE A 405 -0.46 4.55 -10.25
C PHE A 405 -0.85 3.09 -10.50
N VAL A 406 -0.87 2.67 -11.75
CA VAL A 406 -1.28 1.30 -12.09
C VAL A 406 -0.29 0.27 -11.54
N HIS A 407 0.99 0.64 -11.48
CA HIS A 407 2.02 -0.29 -11.02
C HIS A 407 1.78 -0.74 -9.58
N TRP A 408 0.97 0.02 -8.83
CA TRP A 408 0.61 -0.35 -7.47
C TRP A 408 -0.35 -1.54 -7.47
N TYR A 409 -1.24 -1.55 -8.45
CA TYR A 409 -2.22 -2.63 -8.58
C TYR A 409 -1.58 -3.86 -9.20
N VAL A 410 -0.88 -3.66 -10.31
CA VAL A 410 -0.20 -4.76 -10.99
C VAL A 410 0.88 -5.33 -10.07
N GLY A 411 1.38 -4.50 -9.16
CA GLY A 411 2.38 -4.93 -8.19
C GLY A 411 1.78 -5.60 -6.96
N GLU A 412 0.46 -5.80 -6.96
CA GLU A 412 -0.24 -6.45 -5.86
C GLU A 412 -1.09 -7.63 -6.36
N GLY A 413 -0.59 -8.32 -7.38
CA GLY A 413 -1.19 -9.57 -7.83
C GLY A 413 -2.26 -9.42 -8.90
N MET A 414 -2.63 -8.18 -9.22
CA MET A 414 -3.67 -7.92 -10.21
C MET A 414 -3.09 -7.88 -11.62
N GLU A 415 -3.85 -8.37 -12.58
CA GLU A 415 -3.48 -8.28 -13.99
C GLU A 415 -3.96 -6.94 -14.54
N GLU A 416 -3.10 -6.25 -15.28
CA GLU A 416 -3.40 -4.90 -15.77
C GLU A 416 -4.64 -4.90 -16.66
N GLY A 417 -4.98 -6.05 -17.21
CA GLY A 417 -6.14 -6.17 -18.08
C GLY A 417 -7.45 -5.85 -17.39
N GLU A 418 -7.48 -6.00 -16.07
CA GLU A 418 -8.72 -5.80 -15.32
C GLU A 418 -9.15 -4.33 -15.31
N PHE A 419 -8.19 -3.42 -15.48
CA PHE A 419 -8.49 -2.00 -15.60
C PHE A 419 -9.37 -1.75 -16.82
N THR A 420 -9.04 -2.43 -17.91
CA THR A 420 -9.76 -2.29 -19.16
C THR A 420 -11.12 -2.96 -19.09
N GLU A 421 -11.14 -4.21 -18.63
CA GLU A 421 -12.39 -4.96 -18.53
C GLU A 421 -13.39 -4.25 -17.63
N ALA A 422 -12.89 -3.65 -16.56
CA ALA A 422 -13.75 -2.95 -15.61
C ALA A 422 -14.29 -1.65 -16.20
N ARG A 423 -13.45 -0.95 -16.95
CA ARG A 423 -13.86 0.31 -17.57
C ARG A 423 -14.83 0.06 -18.72
N GLU A 424 -14.60 -1.01 -19.47
CA GLU A 424 -15.49 -1.39 -20.56
C GLU A 424 -16.85 -1.80 -20.01
N ASP A 425 -16.85 -2.35 -18.81
CA ASP A 425 -18.08 -2.80 -18.16
C ASP A 425 -18.88 -1.60 -17.67
N LEU A 426 -18.19 -0.60 -17.14
CA LEU A 426 -18.85 0.59 -16.64
C LEU A 426 -19.39 1.42 -17.81
N ALA A 427 -18.67 1.40 -18.92
CA ALA A 427 -19.12 2.06 -20.14
C ALA A 427 -20.40 1.38 -20.64
N ALA A 428 -20.45 0.05 -20.49
CA ALA A 428 -21.62 -0.71 -20.86
C ALA A 428 -22.79 -0.40 -19.93
N LEU A 429 -22.49 -0.26 -18.64
CA LEU A 429 -23.51 0.07 -17.65
C LEU A 429 -24.11 1.44 -17.95
N GLU A 430 -23.28 2.35 -18.44
CA GLU A 430 -23.75 3.67 -18.82
C GLU A 430 -24.66 3.58 -20.04
N ARG A 431 -24.22 2.86 -21.06
CA ARG A 431 -25.01 2.67 -22.26
C ARG A 431 -26.34 2.01 -21.95
N ASP A 432 -26.30 0.97 -21.11
CA ASP A 432 -27.49 0.23 -20.74
C ASP A 432 -28.52 1.10 -20.03
N TYR A 433 -28.07 2.19 -19.41
CA TYR A 433 -28.97 3.05 -18.65
C TYR A 433 -29.63 4.10 -19.53
N ILE A 434 -28.86 4.73 -20.41
CA ILE A 434 -29.42 5.69 -21.35
C ILE A 434 -30.23 4.96 -22.41
N GLU A 435 -29.95 3.68 -22.60
CA GLU A 435 -30.62 2.87 -23.61
C GLU A 435 -31.94 2.31 -23.10
N VAL A 436 -32.02 2.03 -21.80
CA VAL A 436 -33.24 1.48 -21.22
C VAL A 436 -34.25 2.58 -20.90
N GLY A 437 -33.76 3.80 -20.75
CA GLY A 437 -34.62 4.94 -20.54
C GLY A 437 -35.40 5.28 -21.80
N ALA A 438 -34.94 4.77 -22.93
CA ALA A 438 -35.59 5.02 -24.22
C ALA A 438 -36.95 4.35 -24.31
N MET B 1 0.42 -2.30 15.11
CA MET B 1 0.72 -0.94 15.66
C MET B 1 1.49 -0.09 14.67
N ARG B 2 1.85 -0.68 13.53
CA ARG B 2 2.56 0.01 12.46
C ARG B 2 3.83 0.69 12.97
N GLU B 3 4.78 -0.12 13.41
CA GLU B 3 6.06 0.39 13.88
C GLU B 3 6.98 0.71 12.71
N ILE B 4 7.94 1.60 12.94
CA ILE B 4 8.95 1.95 11.96
C ILE B 4 10.33 1.78 12.58
N ILE B 5 11.23 1.13 11.84
CA ILE B 5 12.60 0.94 12.28
C ILE B 5 13.50 1.97 11.62
N HIS B 6 14.12 2.81 12.42
CA HIS B 6 15.01 3.85 11.91
C HIS B 6 16.44 3.35 11.80
N ILE B 7 17.12 3.74 10.72
CA ILE B 7 18.52 3.42 10.53
C ILE B 7 19.30 4.68 10.18
N SER B 8 20.31 5.00 10.98
CA SER B 8 21.19 6.13 10.70
C SER B 8 22.54 5.63 10.22
N THR B 9 22.89 5.99 8.99
CA THR B 9 24.12 5.53 8.38
C THR B 9 25.08 6.68 8.07
N GLY B 10 26.27 6.62 8.65
CA GLY B 10 27.29 7.60 8.38
C GLY B 10 27.25 8.79 9.32
N GLN B 11 28.28 9.63 9.24
CA GLN B 11 28.36 10.84 10.06
C GLN B 11 27.13 11.73 9.87
N CYS B 12 26.80 12.00 8.62
CA CYS B 12 25.63 12.81 8.28
C CYS B 12 24.36 12.16 8.80
N GLY B 13 24.19 10.88 8.47
CA GLY B 13 23.00 10.15 8.86
C GLY B 13 22.82 10.04 10.36
N ASN B 14 23.92 10.00 11.09
CA ASN B 14 23.86 9.87 12.55
C ASN B 14 23.63 11.21 13.24
N GLN B 15 24.09 12.29 12.64
CA GLN B 15 23.90 13.63 13.21
C GLN B 15 22.51 14.17 12.88
N ILE B 16 22.02 13.84 11.69
CA ILE B 16 20.66 14.21 11.30
C ILE B 16 19.65 13.32 12.04
N GLY B 17 20.01 12.05 12.19
CA GLY B 17 19.17 11.12 12.93
C GLY B 17 19.04 11.56 14.38
N ALA B 18 20.15 11.99 14.96
CA ALA B 18 20.16 12.45 16.35
C ALA B 18 19.28 13.67 16.52
N ALA B 19 19.46 14.65 15.63
CA ALA B 19 18.65 15.87 15.65
C ALA B 19 17.17 15.53 15.50
N PHE B 20 16.88 14.56 14.64
CA PHE B 20 15.51 14.11 14.42
C PHE B 20 14.90 13.54 15.71
N TRP B 21 15.55 12.53 16.28
CA TRP B 21 15.08 11.91 17.51
C TRP B 21 14.97 12.92 18.64
N GLU B 22 15.96 13.79 18.73
CA GLU B 22 15.99 14.82 19.76
C GLU B 22 14.81 15.78 19.59
N THR B 23 14.33 15.90 18.36
CA THR B 23 13.23 16.81 18.05
C THR B 23 11.87 16.18 18.36
N ILE B 24 11.61 15.00 17.80
CA ILE B 24 10.31 14.36 17.98
C ILE B 24 10.13 13.89 19.42
N CYS B 25 11.22 13.81 20.18
CA CYS B 25 11.15 13.46 21.60
C CYS B 25 10.27 14.46 22.34
N GLY B 26 10.44 15.74 22.03
CA GLY B 26 9.70 16.78 22.70
C GLY B 26 8.23 16.80 22.32
N GLU B 27 7.96 16.56 21.03
CA GLU B 27 6.60 16.63 20.51
C GLU B 27 5.73 15.53 21.11
N HIS B 28 6.36 14.45 21.57
CA HIS B 28 5.65 13.35 22.19
C HIS B 28 5.70 13.44 23.73
N GLY B 29 6.28 14.52 24.24
CA GLY B 29 6.35 14.76 25.67
C GLY B 29 7.23 13.77 26.40
N LEU B 30 8.45 13.59 25.91
CA LEU B 30 9.39 12.61 26.47
C LEU B 30 10.66 13.26 26.99
N ASP B 31 11.10 12.84 28.17
CA ASP B 31 12.41 13.22 28.67
C ASP B 31 13.48 12.56 27.81
N PHE B 32 14.73 12.98 28.00
CA PHE B 32 15.85 12.30 27.36
C PHE B 32 16.30 11.11 28.21
N ASN B 33 15.46 10.75 29.18
CA ASN B 33 15.60 9.51 29.93
C ASN B 33 14.54 8.50 29.50
N GLY B 34 13.60 8.95 28.68
CA GLY B 34 12.56 8.09 28.13
C GLY B 34 11.22 8.20 28.83
N THR B 35 11.19 8.87 29.97
CA THR B 35 9.96 9.02 30.73
C THR B 35 9.02 10.02 30.05
N TYR B 36 7.71 9.73 30.12
CA TYR B 36 6.70 10.57 29.48
C TYR B 36 6.21 11.67 30.42
N HIS B 37 6.26 12.91 29.95
CA HIS B 37 5.81 14.06 30.72
C HIS B 37 4.87 14.96 29.90
N GLY B 38 4.25 14.38 28.87
CA GLY B 38 3.31 15.13 28.05
C GLY B 38 2.01 15.41 28.78
N HIS B 39 1.33 16.47 28.36
CA HIS B 39 0.07 16.88 28.98
C HIS B 39 -1.11 16.64 28.04
N ASP B 40 -0.89 15.84 27.01
CA ASP B 40 -1.96 15.51 26.06
C ASP B 40 -1.95 14.01 25.75
N ASP B 41 -3.09 13.53 25.27
CA ASP B 41 -3.22 12.12 24.91
C ASP B 41 -2.73 11.86 23.47
N ILE B 42 -2.88 12.87 22.61
CA ILE B 42 -2.44 12.76 21.23
C ILE B 42 -0.95 12.43 21.15
N GLN B 43 -0.21 12.88 22.15
CA GLN B 43 1.23 12.67 22.20
C GLN B 43 1.58 11.23 22.55
N LYS B 44 0.65 10.54 23.21
CA LYS B 44 0.88 9.19 23.70
C LYS B 44 0.24 8.12 22.81
N GLU B 45 -0.70 8.53 21.97
CA GLU B 45 -1.46 7.58 21.16
C GLU B 45 -0.55 6.81 20.20
N ARG B 46 -0.09 7.47 19.14
CA ARG B 46 0.79 6.83 18.16
C ARG B 46 2.26 6.95 18.58
N LEU B 47 2.53 6.64 19.84
CA LEU B 47 3.86 6.82 20.39
C LEU B 47 4.78 5.65 20.03
N ASN B 48 4.20 4.47 19.84
CA ASN B 48 4.99 3.26 19.63
C ASN B 48 5.42 3.07 18.16
N VAL B 49 5.09 4.04 17.32
CA VAL B 49 5.49 3.97 15.91
C VAL B 49 7.01 4.02 15.80
N TYR B 50 7.62 4.96 16.53
CA TYR B 50 9.06 5.18 16.49
C TYR B 50 9.75 4.72 17.77
N PHE B 51 8.99 4.55 18.85
CA PHE B 51 9.56 4.25 20.16
C PHE B 51 9.14 2.89 20.69
N ASN B 52 10.04 2.28 21.46
CA ASN B 52 9.79 0.99 22.08
C ASN B 52 9.56 1.14 23.59
N GLU B 53 8.49 0.55 24.10
CA GLU B 53 8.17 0.63 25.52
C GLU B 53 9.00 -0.36 26.32
N ALA B 54 10.04 0.14 26.98
CA ALA B 54 10.83 -0.68 27.89
C ALA B 54 10.02 -0.93 29.15
N SER B 55 10.17 -2.12 29.72
CA SER B 55 9.38 -2.54 30.88
C SER B 55 9.41 -1.52 32.03
N SER B 56 10.46 -0.71 32.07
CA SER B 56 10.60 0.31 33.10
C SER B 56 9.63 1.48 32.88
N GLY B 57 8.88 1.43 31.78
CA GLY B 57 7.93 2.48 31.45
C GLY B 57 8.53 3.53 30.54
N LYS B 58 9.85 3.55 30.44
CA LYS B 58 10.54 4.49 29.58
C LYS B 58 10.37 4.10 28.11
N TRP B 59 10.56 5.08 27.23
CA TRP B 59 10.39 4.88 25.80
C TRP B 59 11.72 5.05 25.06
N VAL B 60 12.17 3.97 24.44
CA VAL B 60 13.46 3.94 23.73
C VAL B 60 13.23 3.98 22.22
N PRO B 61 13.96 4.87 21.51
CA PRO B 61 13.86 4.91 20.05
C PRO B 61 14.14 3.57 19.37
N ARG B 62 13.38 3.27 18.32
CA ARG B 62 13.65 2.11 17.49
C ARG B 62 14.68 2.49 16.43
N SER B 63 15.84 2.93 16.89
CA SER B 63 16.90 3.41 16.01
C SER B 63 18.09 2.45 15.99
N ILE B 64 18.70 2.33 14.82
CA ILE B 64 19.94 1.59 14.66
C ILE B 64 20.99 2.51 14.06
N ASN B 65 22.01 2.83 14.85
CA ASN B 65 23.05 3.75 14.43
C ASN B 65 24.26 3.00 13.88
N VAL B 66 24.55 3.21 12.60
CA VAL B 66 25.60 2.46 11.90
C VAL B 66 26.62 3.42 11.31
N ASP B 67 27.89 3.11 11.53
CA ASP B 67 28.97 3.89 10.95
C ASP B 67 30.26 3.06 10.91
N LEU B 68 30.87 3.00 9.73
CA LEU B 68 32.06 2.19 9.55
C LEU B 68 33.20 2.69 10.44
N GLU B 69 33.14 3.97 10.76
CA GLU B 69 34.12 4.60 11.66
C GLU B 69 33.49 4.88 13.02
N PRO B 70 34.24 4.68 14.11
CA PRO B 70 33.68 4.92 15.45
C PRO B 70 33.65 6.39 15.87
N GLY B 71 33.99 7.29 14.94
CA GLY B 71 34.10 8.70 15.26
C GLY B 71 32.81 9.36 15.68
N THR B 72 31.90 9.53 14.72
CA THR B 72 30.66 10.27 14.95
C THR B 72 29.72 9.52 15.90
N ILE B 73 29.77 8.20 15.88
CA ILE B 73 28.92 7.38 16.72
C ILE B 73 29.29 7.57 18.19
N ASP B 74 30.57 7.87 18.44
CA ASP B 74 31.02 8.17 19.80
C ASP B 74 30.58 9.57 20.23
N ALA B 75 30.39 10.46 19.26
CA ALA B 75 29.92 11.81 19.55
C ALA B 75 28.46 11.79 19.95
N VAL B 76 27.68 10.94 19.28
CA VAL B 76 26.27 10.76 19.60
C VAL B 76 26.14 10.03 20.93
N ARG B 77 27.11 9.17 21.24
CA ARG B 77 27.08 8.38 22.47
C ARG B 77 26.99 9.26 23.72
N ASN B 78 27.98 10.13 23.92
CA ASN B 78 27.99 11.01 25.09
C ASN B 78 27.34 12.35 24.77
N SER B 79 26.20 12.30 24.08
CA SER B 79 25.36 13.47 23.86
C SER B 79 24.08 13.35 24.69
N ALA B 80 23.23 14.38 24.63
CA ALA B 80 21.99 14.37 25.39
C ALA B 80 21.06 13.25 24.93
N ILE B 81 20.90 13.12 23.62
CA ILE B 81 20.04 12.10 23.05
C ILE B 81 20.68 10.70 23.13
N GLY B 82 21.95 10.65 23.53
CA GLY B 82 22.66 9.40 23.62
C GLY B 82 22.26 8.57 24.84
N ASN B 83 21.45 9.17 25.70
CA ASN B 83 21.05 8.52 26.95
C ASN B 83 19.96 7.47 26.75
N LEU B 84 19.00 7.75 25.88
CA LEU B 84 17.86 6.86 25.67
C LEU B 84 18.09 5.86 24.54
N PHE B 85 19.21 5.97 23.85
CA PHE B 85 19.54 5.02 22.78
C PHE B 85 20.05 3.71 23.35
N ARG B 86 19.55 2.61 22.78
CA ARG B 86 19.93 1.27 23.21
C ARG B 86 21.41 1.02 22.87
N PRO B 87 22.23 0.68 23.89
CA PRO B 87 23.68 0.47 23.66
C PRO B 87 24.01 -0.53 22.56
N ASP B 88 23.28 -1.63 22.47
CA ASP B 88 23.60 -2.68 21.50
C ASP B 88 23.02 -2.36 20.12
N ASN B 89 22.37 -1.21 20.00
CA ASN B 89 21.91 -0.72 18.70
C ASN B 89 22.96 0.19 18.05
N TYR B 90 24.13 0.27 18.68
CA TYR B 90 25.29 0.97 18.11
C TYR B 90 26.18 -0.02 17.37
N ILE B 91 26.22 0.09 16.05
CA ILE B 91 27.05 -0.78 15.22
C ILE B 91 28.18 0.05 14.62
N PHE B 92 29.41 -0.45 14.74
CA PHE B 92 30.56 0.29 14.23
C PHE B 92 31.75 -0.62 13.94
N GLY B 93 32.45 -0.32 12.85
CA GLY B 93 33.67 -1.02 12.49
C GLY B 93 34.90 -0.25 12.95
N GLN B 94 36.08 -0.73 12.58
CA GLN B 94 37.33 -0.09 12.97
C GLN B 94 37.86 0.80 11.87
N SER B 95 37.53 0.46 10.62
CA SER B 95 38.06 1.17 9.45
C SER B 95 37.20 2.38 9.10
N SER B 96 37.31 2.82 7.84
CA SER B 96 36.52 3.94 7.34
C SER B 96 36.32 3.78 5.84
N ALA B 97 35.22 4.31 5.32
CA ALA B 97 34.91 4.19 3.90
C ALA B 97 35.66 5.23 3.07
N GLY B 98 36.45 6.07 3.73
CA GLY B 98 37.30 7.03 3.06
C GLY B 98 36.62 7.88 2.00
N ASN B 99 35.35 8.19 2.22
CA ASN B 99 34.57 9.02 1.31
C ASN B 99 34.49 8.46 -0.12
N VAL B 100 34.68 7.15 -0.28
CA VAL B 100 34.46 6.49 -1.56
C VAL B 100 33.34 5.46 -1.45
N TRP B 101 32.44 5.49 -2.42
CA TRP B 101 31.26 4.64 -2.46
C TRP B 101 31.63 3.16 -2.40
N ALA B 102 32.77 2.81 -3.00
CA ALA B 102 33.18 1.41 -3.15
C ALA B 102 33.48 0.74 -1.81
N LYS B 103 34.15 1.45 -0.92
CA LYS B 103 34.53 0.89 0.37
C LYS B 103 33.31 0.60 1.24
N GLY B 104 32.22 1.31 0.96
CA GLY B 104 31.00 1.17 1.73
C GLY B 104 30.06 0.11 1.18
N HIS B 105 30.11 -0.12 -0.13
CA HIS B 105 29.13 -0.98 -0.80
C HIS B 105 29.63 -2.40 -1.06
N TYR B 106 30.94 -2.56 -1.18
CA TYR B 106 31.51 -3.86 -1.58
C TYR B 106 32.56 -4.38 -0.62
N THR B 107 33.33 -3.48 -0.03
CA THR B 107 34.49 -3.88 0.76
C THR B 107 34.21 -3.85 2.26
N GLU B 108 34.63 -2.78 2.94
CA GLU B 108 34.59 -2.72 4.40
C GLU B 108 33.16 -2.65 4.92
N GLY B 109 32.31 -1.96 4.17
CA GLY B 109 30.90 -1.85 4.54
C GLY B 109 30.22 -3.19 4.44
N ALA B 110 30.55 -3.95 3.40
CA ALA B 110 29.93 -5.25 3.15
C ALA B 110 30.23 -6.24 4.28
N GLU B 111 31.30 -6.00 5.02
CA GLU B 111 31.73 -6.88 6.09
C GLU B 111 31.00 -6.59 7.41
N LEU B 112 30.38 -5.42 7.48
CA LEU B 112 29.69 -4.99 8.70
C LEU B 112 28.18 -5.15 8.58
N VAL B 113 27.69 -5.37 7.35
CA VAL B 113 26.26 -5.44 7.09
C VAL B 113 25.55 -6.50 7.93
N ASP B 114 26.18 -7.66 8.06
CA ASP B 114 25.54 -8.78 8.74
C ASP B 114 25.43 -8.54 10.24
N SER B 115 26.29 -7.70 10.79
CA SER B 115 26.24 -7.39 12.22
C SER B 115 25.07 -6.45 12.52
N VAL B 116 24.81 -5.51 11.61
CA VAL B 116 23.68 -4.60 11.80
C VAL B 116 22.40 -5.37 11.51
N MET B 117 22.45 -6.23 10.48
CA MET B 117 21.29 -7.00 10.06
C MET B 117 20.73 -7.82 11.23
N ASP B 118 21.62 -8.30 12.09
CA ASP B 118 21.21 -9.05 13.27
C ASP B 118 20.35 -8.19 14.20
N VAL B 119 20.74 -6.93 14.36
CA VAL B 119 20.05 -6.03 15.27
C VAL B 119 18.69 -5.63 14.73
N ILE B 120 18.59 -5.40 13.42
CA ILE B 120 17.31 -4.98 12.84
C ILE B 120 16.38 -6.19 12.83
N ARG B 121 16.96 -7.38 12.76
CA ARG B 121 16.16 -8.61 12.81
C ARG B 121 15.59 -8.81 14.21
N ARG B 122 16.36 -8.39 15.22
CA ARG B 122 15.92 -8.48 16.60
C ARG B 122 14.84 -7.43 16.87
N GLU B 123 15.01 -6.25 16.28
CA GLU B 123 14.03 -5.19 16.42
C GLU B 123 12.73 -5.58 15.74
N ALA B 124 12.84 -6.09 14.52
CA ALA B 124 11.68 -6.46 13.72
C ALA B 124 10.87 -7.57 14.37
N GLU B 125 11.54 -8.38 15.18
CA GLU B 125 10.86 -9.46 15.90
C GLU B 125 9.99 -8.91 17.02
N GLY B 126 10.36 -7.74 17.54
CA GLY B 126 9.62 -7.10 18.62
C GLY B 126 8.63 -6.07 18.12
N CYS B 127 8.11 -6.27 16.91
CA CYS B 127 7.13 -5.37 16.32
C CYS B 127 5.77 -6.06 16.15
N ASP B 128 4.72 -5.42 16.63
CA ASP B 128 3.37 -5.95 16.49
C ASP B 128 3.01 -6.09 15.02
N SER B 129 3.31 -5.06 14.24
CA SER B 129 3.07 -5.08 12.80
C SER B 129 3.95 -4.03 12.12
N LEU B 130 5.23 -4.35 11.96
CA LEU B 130 6.19 -3.47 11.30
C LEU B 130 5.68 -3.05 9.92
N GLN B 131 5.74 -1.76 9.63
CA GLN B 131 5.23 -1.22 8.38
C GLN B 131 6.35 -0.97 7.38
N GLY B 132 7.52 -0.61 7.89
CA GLY B 132 8.67 -0.36 7.03
C GLY B 132 9.87 0.22 7.75
N PHE B 133 10.82 0.70 6.96
CA PHE B 133 12.06 1.26 7.48
C PHE B 133 12.22 2.70 7.01
N GLN B 134 12.96 3.49 7.78
CA GLN B 134 13.31 4.84 7.39
C GLN B 134 14.81 5.04 7.62
N ILE B 135 15.49 5.56 6.61
CA ILE B 135 16.94 5.67 6.62
C ILE B 135 17.38 7.12 6.44
N THR B 136 18.31 7.54 7.28
CA THR B 136 18.94 8.85 7.17
C THR B 136 20.40 8.69 6.77
N HIS B 137 20.81 9.41 5.73
CA HIS B 137 22.18 9.33 5.25
C HIS B 137 22.52 10.43 4.26
N SER B 138 23.82 10.58 4.01
CA SER B 138 24.32 11.44 2.95
C SER B 138 24.64 10.61 1.73
N LEU B 139 24.27 11.09 0.55
CA LEU B 139 24.61 10.41 -0.70
C LEU B 139 26.00 10.83 -1.20
N GLY B 140 26.60 11.82 -0.54
CA GLY B 140 27.87 12.36 -0.96
C GLY B 140 29.08 11.64 -0.37
N GLY B 141 28.90 11.01 0.78
CA GLY B 141 30.00 10.37 1.48
C GLY B 141 30.33 8.99 0.94
N GLY B 142 30.86 8.13 1.81
CA GLY B 142 31.21 6.77 1.45
C GLY B 142 30.39 5.76 2.22
N THR B 143 30.22 6.00 3.51
CA THR B 143 29.47 5.09 4.38
C THR B 143 27.96 5.25 4.16
N GLY B 144 27.47 6.46 4.39
CA GLY B 144 26.05 6.74 4.25
C GLY B 144 25.53 6.40 2.86
N SER B 145 26.29 6.79 1.85
CA SER B 145 25.93 6.50 0.47
C SER B 145 26.14 5.02 0.13
N GLY B 146 27.38 4.56 0.19
CA GLY B 146 27.75 3.22 -0.20
C GLY B 146 27.13 2.12 0.63
N MET B 147 27.34 2.17 1.94
CA MET B 147 26.84 1.13 2.84
C MET B 147 25.33 1.26 3.04
N GLY B 148 24.83 2.49 2.96
CA GLY B 148 23.41 2.72 3.10
C GLY B 148 22.62 2.03 2.01
N THR B 149 23.00 2.28 0.76
CA THR B 149 22.34 1.67 -0.39
C THR B 149 22.55 0.16 -0.41
N LEU B 150 23.66 -0.30 0.18
CA LEU B 150 23.89 -1.73 0.33
C LEU B 150 22.89 -2.30 1.33
N LEU B 151 22.74 -1.60 2.44
CA LEU B 151 21.85 -2.05 3.51
C LEU B 151 20.39 -2.05 3.04
N ILE B 152 20.03 -1.05 2.24
CA ILE B 152 18.69 -0.98 1.67
C ILE B 152 18.39 -2.25 0.88
N SER B 153 19.29 -2.58 -0.05
CA SER B 153 19.11 -3.76 -0.89
C SER B 153 19.03 -5.02 -0.06
N LYS B 154 19.92 -5.14 0.93
CA LYS B 154 19.97 -6.33 1.77
C LYS B 154 18.74 -6.39 2.68
N ILE B 155 18.18 -5.23 2.99
CA ILE B 155 16.97 -5.16 3.81
C ILE B 155 15.77 -5.64 3.01
N ARG B 156 15.72 -5.32 1.73
CA ARG B 156 14.60 -5.73 0.88
C ARG B 156 14.63 -7.23 0.59
N GLU B 157 15.83 -7.81 0.62
CA GLU B 157 15.98 -9.24 0.41
C GLU B 157 15.32 -10.02 1.54
N GLU B 158 15.36 -9.46 2.74
CA GLU B 158 14.81 -10.13 3.92
C GLU B 158 13.42 -9.64 4.31
N PHE B 159 13.07 -8.44 3.83
CA PHE B 159 11.76 -7.85 4.13
C PHE B 159 11.15 -7.29 2.84
N PRO B 160 10.77 -8.19 1.91
CA PRO B 160 10.35 -7.79 0.55
C PRO B 160 9.13 -6.88 0.51
N ASP B 161 8.22 -7.04 1.46
CA ASP B 161 6.92 -6.36 1.40
C ASP B 161 6.79 -5.27 2.47
N ARG B 162 7.92 -4.89 3.06
CA ARG B 162 7.94 -3.76 4.01
C ARG B 162 8.39 -2.49 3.28
N MET B 163 7.85 -1.36 3.69
CA MET B 163 8.11 -0.09 3.03
C MET B 163 9.54 0.40 3.28
N MET B 164 10.04 1.21 2.35
CA MET B 164 11.41 1.69 2.40
C MET B 164 11.46 3.19 2.12
N ALA B 165 11.46 3.98 3.19
CA ALA B 165 11.54 5.43 3.09
C ALA B 165 12.98 5.87 3.35
N THR B 166 13.39 6.95 2.69
CA THR B 166 14.77 7.39 2.76
C THR B 166 14.88 8.92 2.87
N PHE B 167 15.72 9.39 3.78
CA PHE B 167 16.05 10.79 3.90
C PHE B 167 17.49 11.00 3.43
N SER B 168 17.64 11.41 2.17
CA SER B 168 18.93 11.49 1.53
C SER B 168 19.40 12.92 1.31
N VAL B 169 20.57 13.24 1.88
CA VAL B 169 21.16 14.56 1.73
C VAL B 169 22.09 14.61 0.52
N LEU B 170 21.74 15.41 -0.47
CA LEU B 170 22.56 15.57 -1.66
C LEU B 170 23.68 16.57 -1.43
N PRO B 171 24.89 16.26 -1.92
CA PRO B 171 26.02 17.19 -1.74
C PRO B 171 25.94 18.40 -2.66
N SER B 172 26.47 19.53 -2.20
CA SER B 172 26.55 20.74 -3.01
C SER B 172 28.00 20.99 -3.40
N PRO B 173 28.23 21.76 -4.49
CA PRO B 173 29.60 22.10 -4.86
C PRO B 173 30.28 22.96 -3.79
N LYS B 174 30.67 22.31 -2.69
CA LYS B 174 31.27 23.00 -1.56
C LYS B 174 32.02 22.01 -0.66
N THR B 178 36.09 14.71 -0.88
CA THR B 178 35.04 15.69 -1.12
C THR B 178 35.04 16.14 -2.58
N ARG B 179 35.98 15.63 -3.36
CA ARG B 179 36.01 15.86 -4.81
C ARG B 179 35.36 14.70 -5.56
N VAL B 180 34.83 13.74 -4.81
CA VAL B 180 34.27 12.52 -5.41
C VAL B 180 32.78 12.38 -5.10
N GLU B 181 32.16 13.49 -4.72
CA GLU B 181 30.75 13.47 -4.31
C GLU B 181 29.82 13.19 -5.48
N PRO B 182 30.12 13.72 -6.68
CA PRO B 182 29.30 13.38 -7.84
C PRO B 182 29.32 11.87 -8.16
N TYR B 183 30.43 11.20 -7.87
CA TYR B 183 30.51 9.76 -8.05
C TYR B 183 29.62 9.04 -7.05
N ASN B 184 29.84 9.33 -5.76
CA ASN B 184 29.08 8.69 -4.70
C ASN B 184 27.58 8.92 -4.86
N ALA B 185 27.20 10.14 -5.21
CA ALA B 185 25.80 10.52 -5.32
C ALA B 185 25.11 9.80 -6.47
N THR B 186 25.74 9.81 -7.64
CA THR B 186 25.16 9.19 -8.83
C THR B 186 25.03 7.68 -8.65
N LEU B 187 25.99 7.08 -7.97
CA LEU B 187 25.98 5.64 -7.74
C LEU B 187 24.88 5.25 -6.74
N SER B 188 24.54 6.18 -5.85
CA SER B 188 23.53 5.94 -4.84
C SER B 188 22.13 6.14 -5.40
N VAL B 189 21.98 7.20 -6.20
CA VAL B 189 20.72 7.48 -6.87
C VAL B 189 20.29 6.29 -7.71
N HIS B 190 21.26 5.64 -8.33
CA HIS B 190 21.02 4.45 -9.13
C HIS B 190 20.48 3.31 -8.28
N GLN B 191 20.89 3.28 -7.01
CA GLN B 191 20.41 2.26 -6.08
C GLN B 191 19.04 2.63 -5.52
N LEU B 192 18.84 3.91 -5.25
CA LEU B 192 17.59 4.39 -4.69
C LEU B 192 16.43 4.19 -5.67
N VAL B 193 16.69 4.45 -6.95
CA VAL B 193 15.65 4.33 -7.96
C VAL B 193 15.20 2.88 -8.11
N GLU B 194 16.08 1.95 -7.76
CA GLU B 194 15.78 0.52 -7.89
C GLU B 194 15.21 -0.09 -6.60
N HIS B 195 15.67 0.40 -5.45
CA HIS B 195 15.38 -0.23 -4.16
C HIS B 195 14.79 0.70 -3.10
N SER B 196 14.25 1.84 -3.50
CA SER B 196 13.65 2.77 -2.53
C SER B 196 12.23 3.11 -2.93
N ASP B 197 11.32 3.05 -1.96
CA ASP B 197 9.93 3.37 -2.20
C ASP B 197 9.69 4.88 -2.09
N GLU B 198 10.39 5.53 -1.17
CA GLU B 198 10.24 6.97 -0.94
C GLU B 198 11.58 7.61 -0.60
N THR B 199 11.94 8.66 -1.34
CA THR B 199 13.19 9.37 -1.13
C THR B 199 12.96 10.87 -1.00
N PHE B 200 13.29 11.41 0.16
CA PHE B 200 13.19 12.85 0.41
C PHE B 200 14.54 13.50 0.15
N CYS B 201 14.62 14.26 -0.93
CA CYS B 201 15.89 14.85 -1.36
C CYS B 201 16.17 16.17 -0.65
N ILE B 202 17.20 16.16 0.18
CA ILE B 202 17.58 17.31 0.99
C ILE B 202 18.90 17.89 0.49
N ASP B 203 18.83 18.77 -0.50
CA ASP B 203 20.03 19.35 -1.09
C ASP B 203 20.77 20.21 -0.07
N ASN B 204 22.03 19.86 0.20
CA ASN B 204 22.82 20.57 1.20
C ASN B 204 23.08 22.02 0.79
N GLU B 205 22.86 22.32 -0.48
CA GLU B 205 22.99 23.69 -0.98
C GLU B 205 21.81 24.54 -0.51
N ALA B 206 20.62 23.96 -0.62
CA ALA B 206 19.39 24.65 -0.24
C ALA B 206 19.37 24.95 1.26
N LEU B 207 19.79 23.97 2.06
CA LEU B 207 19.88 24.14 3.50
C LEU B 207 20.83 25.28 3.86
N TYR B 208 21.99 25.28 3.21
CA TYR B 208 23.00 26.31 3.43
C TYR B 208 22.46 27.67 3.03
N ASP B 209 21.93 27.76 1.81
CA ASP B 209 21.37 29.00 1.28
C ASP B 209 20.33 29.59 2.22
N ILE B 210 19.44 28.75 2.74
CA ILE B 210 18.34 29.22 3.57
C ILE B 210 18.85 29.69 4.93
N CYS B 211 19.75 28.91 5.52
CA CYS B 211 20.36 29.30 6.79
C CYS B 211 21.17 30.57 6.62
N GLN B 212 21.78 30.73 5.44
CA GLN B 212 22.58 31.91 5.15
C GLN B 212 21.69 33.11 4.87
N LEU B 215 17.93 33.43 7.17
CA LEU B 215 17.98 33.60 8.61
C LEU B 215 19.11 34.54 9.01
N LYS B 216 20.05 34.74 8.09
CA LYS B 216 21.20 35.62 8.32
C LYS B 216 22.09 35.08 9.43
N GLN B 219 28.33 32.35 7.73
CA GLN B 219 28.32 30.99 7.20
C GLN B 219 27.83 30.00 8.27
N PRO B 220 26.72 29.28 7.99
CA PRO B 220 26.20 28.35 9.00
C PRO B 220 27.03 27.08 9.16
N SER B 221 26.96 26.47 10.34
CA SER B 221 27.62 25.20 10.60
C SER B 221 26.69 24.05 10.27
N TYR B 222 27.18 22.82 10.38
CA TYR B 222 26.36 21.64 10.14
C TYR B 222 25.20 21.55 11.12
N GLY B 223 25.42 22.08 12.33
CA GLY B 223 24.40 22.08 13.36
C GLY B 223 23.19 22.92 12.96
N ASP B 224 23.46 24.09 12.40
CA ASP B 224 22.39 24.98 11.94
C ASP B 224 21.61 24.33 10.80
N LEU B 225 22.32 23.64 9.91
CA LEU B 225 21.66 22.90 8.83
C LEU B 225 20.81 21.77 9.39
N ASN B 226 21.33 21.09 10.41
CA ASN B 226 20.65 19.94 10.98
C ASN B 226 19.33 20.29 11.66
N ASN B 227 19.29 21.43 12.35
CA ASN B 227 18.05 21.92 12.93
C ASN B 227 16.99 22.12 11.85
N LEU B 228 17.43 22.60 10.70
CA LEU B 228 16.55 22.81 9.56
C LEU B 228 16.04 21.48 9.04
N VAL B 229 16.95 20.52 8.88
CA VAL B 229 16.58 19.17 8.44
C VAL B 229 15.65 18.51 9.45
N SER B 230 16.03 18.62 10.72
CA SER B 230 15.26 18.00 11.80
C SER B 230 13.85 18.55 11.87
N SER B 231 13.71 19.85 11.64
CA SER B 231 12.41 20.50 11.64
C SER B 231 11.53 19.93 10.52
N VAL B 232 12.12 19.73 9.35
CA VAL B 232 11.39 19.15 8.23
C VAL B 232 10.91 17.75 8.57
N MET B 233 11.87 16.86 8.83
CA MET B 233 11.56 15.45 9.13
C MET B 233 10.45 15.31 10.16
N SER B 234 10.46 16.19 11.16
CA SER B 234 9.40 16.24 12.14
C SER B 234 8.07 16.52 11.45
N GLY B 235 8.07 17.50 10.57
CA GLY B 235 6.88 17.88 9.83
C GLY B 235 6.46 16.82 8.82
N VAL B 236 7.43 16.26 8.11
CA VAL B 236 7.18 15.21 7.13
C VAL B 236 6.50 14.01 7.79
N THR B 237 6.95 13.66 8.99
CA THR B 237 6.44 12.47 9.69
C THR B 237 5.32 12.80 10.66
N THR B 238 4.59 13.88 10.41
CA THR B 238 3.49 14.25 11.29
C THR B 238 2.32 13.30 11.09
N SER B 239 2.11 12.88 9.85
CA SER B 239 1.03 11.96 9.52
C SER B 239 1.30 10.57 10.11
N LEU B 240 2.57 10.24 10.27
CA LEU B 240 2.97 8.92 10.76
C LEU B 240 2.94 8.83 12.28
N ARG B 241 3.07 9.97 12.94
CA ARG B 241 3.25 10.00 14.39
C ARG B 241 2.00 10.50 15.14
N TYR B 242 0.98 10.94 14.40
CA TYR B 242 -0.25 11.43 15.01
C TYR B 242 -1.48 10.91 14.28
N PRO B 243 -2.52 10.53 15.04
CA PRO B 243 -3.74 10.04 14.40
C PRO B 243 -4.72 11.19 14.12
N GLY B 244 -5.16 11.41 12.88
CA GLY B 244 -4.78 10.65 11.70
C GLY B 244 -5.95 10.51 10.76
N GLN B 245 -5.67 10.61 9.46
CA GLN B 245 -6.72 10.42 8.46
C GLN B 245 -6.10 10.32 7.07
N LEU B 246 -5.13 11.19 6.80
CA LEU B 246 -4.47 11.25 5.49
C LEU B 246 -3.03 10.79 5.58
N ASN B 247 -2.69 9.78 4.78
CA ASN B 247 -1.33 9.29 4.67
C ASN B 247 -0.77 8.81 6.01
N SER B 248 -1.56 8.00 6.71
CA SER B 248 -1.18 7.50 8.03
C SER B 248 -0.02 6.53 7.95
N ASP B 249 0.05 5.75 6.86
CA ASP B 249 1.11 4.78 6.67
C ASP B 249 2.15 5.32 5.68
N LEU B 250 3.34 4.71 5.69
CA LEU B 250 4.33 4.96 4.65
C LEU B 250 3.78 4.48 3.32
N ARG B 251 2.90 3.48 3.37
CA ARG B 251 2.37 2.87 2.15
C ARG B 251 1.30 3.75 1.51
N LYS B 252 0.36 4.23 2.32
CA LYS B 252 -0.67 5.14 1.82
C LYS B 252 -0.03 6.36 1.19
N LEU B 253 1.05 6.81 1.80
CA LEU B 253 1.77 7.99 1.34
C LEU B 253 2.43 7.72 -0.01
N ALA B 254 3.02 6.54 -0.15
CA ALA B 254 3.69 6.16 -1.39
C ALA B 254 2.68 6.04 -2.53
N VAL B 255 1.54 5.43 -2.25
CA VAL B 255 0.49 5.29 -3.24
C VAL B 255 0.02 6.65 -3.73
N ASN B 256 -0.08 7.61 -2.80
CA ASN B 256 -0.56 8.94 -3.14
C ASN B 256 0.47 9.81 -3.84
N LEU B 257 1.75 9.54 -3.59
CA LEU B 257 2.82 10.41 -4.07
C LEU B 257 3.55 9.86 -5.30
N VAL B 258 3.36 8.58 -5.60
CA VAL B 258 4.14 7.91 -6.65
C VAL B 258 3.26 7.41 -7.79
N PRO B 259 3.17 8.18 -8.89
CA PRO B 259 2.40 7.74 -10.05
C PRO B 259 3.11 6.63 -10.83
N PHE B 260 4.44 6.70 -10.86
CA PHE B 260 5.25 5.74 -11.60
C PHE B 260 6.40 5.24 -10.74
N PRO B 261 6.80 3.96 -10.90
CA PRO B 261 7.72 3.29 -9.97
C PRO B 261 9.04 4.03 -9.70
N ARG B 262 9.70 4.53 -10.74
CA ARG B 262 11.03 5.11 -10.56
C ARG B 262 10.96 6.63 -10.39
N LEU B 263 9.75 7.16 -10.28
CA LEU B 263 9.55 8.58 -9.95
C LEU B 263 9.07 8.72 -8.51
N HIS B 264 10.00 8.49 -7.58
CA HIS B 264 9.67 8.52 -6.15
C HIS B 264 10.68 9.37 -5.38
N PHE B 265 11.18 10.42 -6.03
CA PHE B 265 12.09 11.36 -5.39
C PHE B 265 11.36 12.68 -5.15
N PHE B 266 11.15 13.00 -3.89
CA PHE B 266 10.27 14.10 -3.50
C PHE B 266 11.03 15.34 -3.03
N MET B 267 10.55 16.50 -3.47
CA MET B 267 11.00 17.75 -2.91
C MET B 267 10.25 17.99 -1.61
N VAL B 268 10.82 18.83 -0.74
CA VAL B 268 10.17 19.16 0.53
C VAL B 268 10.27 20.65 0.82
N GLY B 269 9.14 21.23 1.20
CA GLY B 269 9.06 22.63 1.56
C GLY B 269 8.55 22.79 2.98
N TYR B 270 9.01 23.84 3.67
CA TYR B 270 8.67 24.04 5.07
C TYR B 270 8.45 25.52 5.36
N ALA B 271 7.59 25.80 6.32
CA ALA B 271 7.32 27.16 6.75
C ALA B 271 6.62 27.14 8.12
N PRO B 272 6.84 28.18 8.93
CA PRO B 272 7.65 29.37 8.66
C PRO B 272 9.13 29.17 9.01
N LEU B 273 9.99 29.94 8.34
CA LEU B 273 11.41 29.99 8.65
C LEU B 273 11.72 31.35 9.30
N THR B 274 12.23 32.29 8.51
CA THR B 274 12.40 33.67 8.97
C THR B 274 13.37 33.82 10.13
N ALA B 275 13.64 35.08 10.50
CA ALA B 275 14.51 35.40 11.63
C ALA B 275 13.84 36.40 12.57
N ARG B 282 3.09 39.72 14.07
CA ARG B 282 4.27 38.90 14.23
C ARG B 282 3.97 37.44 13.86
N SER B 283 2.81 36.95 14.30
CA SER B 283 2.35 35.62 13.91
C SER B 283 1.78 35.66 12.49
N LEU B 284 1.86 34.55 11.78
CA LEU B 284 1.45 34.51 10.38
C LEU B 284 -0.03 34.16 10.20
N THR B 285 -0.52 34.45 9.00
CA THR B 285 -1.86 34.05 8.59
C THR B 285 -1.76 32.78 7.76
N VAL B 286 -2.87 32.08 7.59
CA VAL B 286 -2.88 30.84 6.81
C VAL B 286 -2.43 31.09 5.36
N PRO B 287 -2.94 32.16 4.72
CA PRO B 287 -2.48 32.48 3.37
C PRO B 287 -0.97 32.72 3.28
N GLU B 288 -0.43 33.44 4.27
CA GLU B 288 1.00 33.73 4.30
C GLU B 288 1.81 32.47 4.54
N LEU B 289 1.31 31.62 5.42
CA LEU B 289 1.95 30.34 5.70
C LEU B 289 1.94 29.46 4.45
N THR B 290 0.86 29.57 3.68
CA THR B 290 0.70 28.77 2.47
C THR B 290 1.60 29.29 1.35
N GLN B 291 1.59 30.60 1.13
CA GLN B 291 2.38 31.21 0.08
C GLN B 291 3.87 31.03 0.35
N GLN B 292 4.24 31.09 1.63
CA GLN B 292 5.62 30.92 2.04
C GLN B 292 6.08 29.49 1.79
N MET B 293 5.17 28.55 2.04
CA MET B 293 5.44 27.13 1.88
C MET B 293 5.79 26.77 0.43
N PHE B 294 4.95 27.22 -0.50
CA PHE B 294 5.15 26.94 -1.92
C PHE B 294 6.31 27.74 -2.51
N ASP B 295 6.80 28.74 -1.77
CA ASP B 295 7.89 29.59 -2.25
C ASP B 295 9.14 28.78 -2.56
N ALA B 296 9.86 29.20 -3.60
CA ALA B 296 11.10 28.52 -4.00
C ALA B 296 12.21 28.77 -2.98
N LYS B 297 12.10 29.86 -2.24
CA LYS B 297 13.08 30.20 -1.22
C LYS B 297 12.93 29.29 0.01
N ASN B 298 11.81 28.55 0.07
CA ASN B 298 11.52 27.66 1.19
C ASN B 298 11.72 26.19 0.83
N MET B 299 12.13 25.93 -0.40
CA MET B 299 12.40 24.57 -0.85
C MET B 299 13.74 24.09 -0.31
N MET B 300 13.78 22.84 0.14
CA MET B 300 14.99 22.26 0.70
C MET B 300 15.80 21.57 -0.39
N ALA B 301 15.70 22.10 -1.61
CA ALA B 301 16.39 21.54 -2.75
C ALA B 301 16.66 22.62 -3.80
N ALA B 302 17.89 22.68 -4.29
CA ALA B 302 18.27 23.68 -5.27
C ALA B 302 17.52 23.47 -6.59
N ALA B 303 16.25 23.85 -6.60
CA ALA B 303 15.42 23.72 -7.78
C ALA B 303 14.12 24.51 -7.61
N ASP B 304 13.78 25.31 -8.61
CA ASP B 304 12.57 26.12 -8.58
C ASP B 304 11.37 25.29 -9.06
N PRO B 305 10.34 25.13 -8.21
CA PRO B 305 9.18 24.34 -8.63
C PRO B 305 8.44 24.91 -9.84
N ARG B 306 8.64 26.19 -10.12
CA ARG B 306 7.94 26.86 -11.21
C ARG B 306 8.46 26.44 -12.58
N ASN B 307 9.67 25.88 -12.60
CA ASN B 307 10.26 25.38 -13.85
C ASN B 307 9.72 24.00 -14.23
N GLY B 308 8.84 23.45 -13.40
CA GLY B 308 8.26 22.15 -13.66
C GLY B 308 6.80 22.09 -13.26
N ARG B 309 6.25 20.87 -13.24
CA ARG B 309 4.87 20.63 -12.88
C ARG B 309 4.80 19.74 -11.63
N TYR B 310 3.78 19.94 -10.82
CA TYR B 310 3.53 19.06 -9.68
C TYR B 310 2.72 17.84 -10.12
N LEU B 311 3.31 16.66 -9.98
CA LEU B 311 2.58 15.42 -10.24
C LEU B 311 1.64 15.15 -9.08
N THR B 312 2.17 15.26 -7.87
CA THR B 312 1.41 15.05 -6.64
C THR B 312 1.94 15.92 -5.51
N VAL B 313 1.12 16.14 -4.49
CA VAL B 313 1.53 16.90 -3.31
C VAL B 313 0.86 16.34 -2.06
N ALA B 314 1.61 16.29 -0.97
CA ALA B 314 1.08 15.92 0.34
C ALA B 314 1.37 17.02 1.35
N ALA B 315 0.47 17.99 1.45
CA ALA B 315 0.65 19.13 2.34
C ALA B 315 0.19 18.79 3.75
N PHE B 316 1.07 19.04 4.72
CA PHE B 316 0.79 18.77 6.13
C PHE B 316 0.85 20.04 6.97
N PHE B 317 -0.28 20.42 7.55
CA PHE B 317 -0.35 21.58 8.42
C PHE B 317 -0.40 21.17 9.88
N ARG B 318 0.18 22.00 10.74
CA ARG B 318 0.22 21.72 12.18
C ARG B 318 -0.19 22.93 12.98
N GLY B 319 -0.80 22.69 14.14
CA GLY B 319 -1.04 23.73 15.12
C GLY B 319 -2.44 24.33 15.10
N LYS B 320 -2.58 25.48 15.76
CA LYS B 320 -3.86 26.16 15.87
C LYS B 320 -4.29 26.74 14.53
N VAL B 321 -4.94 25.91 13.72
CA VAL B 321 -5.47 26.35 12.44
C VAL B 321 -6.80 25.67 12.17
N SER B 322 -7.70 26.38 11.49
CA SER B 322 -8.98 25.83 11.11
C SER B 322 -8.82 24.97 9.86
N VAL B 323 -9.36 23.77 9.88
CA VAL B 323 -9.28 22.86 8.74
C VAL B 323 -9.85 23.52 7.49
N LYS B 324 -10.92 24.29 7.66
CA LYS B 324 -11.59 24.93 6.54
C LYS B 324 -10.71 26.01 5.90
N GLU B 325 -10.10 26.83 6.74
CA GLU B 325 -9.27 27.93 6.24
C GLU B 325 -8.08 27.40 5.45
N VAL B 326 -7.54 26.27 5.89
CA VAL B 326 -6.41 25.63 5.22
C VAL B 326 -6.84 25.04 3.88
N GLU B 327 -7.97 24.34 3.87
CA GLU B 327 -8.47 23.71 2.66
C GLU B 327 -8.87 24.76 1.63
N ASP B 328 -9.53 25.82 2.08
CA ASP B 328 -9.96 26.90 1.21
C ASP B 328 -8.75 27.57 0.57
N GLU B 329 -7.67 27.69 1.33
CA GLU B 329 -6.47 28.35 0.85
C GLU B 329 -5.70 27.46 -0.12
N MET B 330 -5.55 26.19 0.25
CA MET B 330 -4.87 25.23 -0.61
C MET B 330 -5.60 25.08 -1.95
N HIS B 331 -6.93 25.12 -1.90
CA HIS B 331 -7.73 25.02 -3.10
C HIS B 331 -7.56 26.27 -3.96
N LYS B 332 -7.49 27.42 -3.31
CA LYS B 332 -7.33 28.70 -3.99
C LYS B 332 -5.98 28.73 -4.71
N VAL B 333 -4.95 28.22 -4.05
CA VAL B 333 -3.61 28.14 -4.64
C VAL B 333 -3.62 27.18 -5.83
N GLN B 334 -4.38 26.09 -5.71
CA GLN B 334 -4.46 25.09 -6.76
C GLN B 334 -5.16 25.64 -7.99
N SER B 335 -6.16 26.49 -7.77
CA SER B 335 -6.91 27.10 -8.87
C SER B 335 -6.08 28.19 -9.55
N LYS B 336 -5.48 29.06 -8.74
CA LYS B 336 -4.66 30.14 -9.26
C LYS B 336 -3.45 29.62 -10.01
N ASN B 337 -2.68 28.75 -9.37
CA ASN B 337 -1.48 28.17 -9.99
C ASN B 337 -1.78 26.85 -10.70
N SER B 338 -2.91 26.79 -11.39
CA SER B 338 -3.36 25.54 -12.01
C SER B 338 -2.41 25.03 -13.08
N ASP B 339 -1.54 25.91 -13.58
CA ASP B 339 -0.62 25.53 -14.66
C ASP B 339 0.56 24.73 -14.13
N TYR B 340 0.82 24.84 -12.83
CA TYR B 340 1.94 24.13 -12.21
C TYR B 340 1.52 22.77 -11.65
N PHE B 341 0.31 22.36 -11.99
CA PHE B 341 -0.19 21.03 -11.64
C PHE B 341 -0.65 20.31 -12.91
N VAL B 342 -0.28 19.05 -13.04
CA VAL B 342 -0.70 18.27 -14.20
C VAL B 342 -2.20 18.05 -14.18
N GLU B 343 -2.82 18.08 -15.35
CA GLU B 343 -4.27 17.97 -15.47
C GLU B 343 -4.74 16.52 -15.52
N TRP B 344 -3.82 15.59 -15.80
CA TRP B 344 -4.19 14.18 -15.96
C TRP B 344 -4.08 13.41 -14.64
N ILE B 345 -4.02 14.13 -13.53
CA ILE B 345 -4.12 13.54 -12.20
C ILE B 345 -5.08 14.35 -11.34
N PRO B 346 -6.36 13.93 -11.29
CA PRO B 346 -7.35 14.61 -10.46
C PRO B 346 -6.98 14.62 -8.98
N ASN B 347 -7.14 15.76 -8.33
CA ASN B 347 -6.83 15.91 -6.91
C ASN B 347 -5.41 15.47 -6.58
N ASN B 348 -4.44 16.19 -7.16
CA ASN B 348 -3.03 15.93 -6.90
C ASN B 348 -2.70 16.13 -5.43
N VAL B 349 -3.23 17.20 -4.87
CA VAL B 349 -2.81 17.69 -3.57
C VAL B 349 -3.67 17.16 -2.43
N GLN B 350 -3.06 16.33 -1.58
CA GLN B 350 -3.70 15.85 -0.36
C GLN B 350 -3.34 16.75 0.81
N THR B 351 -4.35 17.36 1.43
CA THR B 351 -4.13 18.31 2.52
C THR B 351 -4.60 17.76 3.86
N ALA B 352 -3.66 17.63 4.80
CA ALA B 352 -3.96 17.15 6.15
C ALA B 352 -3.75 18.27 7.18
N VAL B 353 -4.36 18.11 8.35
CA VAL B 353 -4.21 19.07 9.44
C VAL B 353 -4.07 18.36 10.78
N CYS B 354 -3.14 18.84 11.59
CA CYS B 354 -2.85 18.25 12.89
C CYS B 354 -2.86 19.32 13.99
N SER B 355 -3.53 19.03 15.09
CA SER B 355 -3.65 19.99 16.18
C SER B 355 -2.31 20.20 16.90
N VAL B 356 -1.49 19.16 16.94
CA VAL B 356 -0.21 19.22 17.64
C VAL B 356 0.80 20.06 16.85
N ALA B 357 1.17 21.19 17.41
CA ALA B 357 2.13 22.08 16.77
C ALA B 357 3.56 21.67 17.12
N PRO B 358 4.54 22.16 16.34
CA PRO B 358 5.95 21.96 16.72
C PRO B 358 6.27 22.70 18.01
N GLN B 359 7.56 22.84 18.32
CA GLN B 359 7.97 23.57 19.51
C GLN B 359 9.21 24.42 19.24
N GLY B 360 9.19 25.73 19.48
CA GLY B 360 8.06 26.49 20.02
C GLY B 360 7.38 27.35 18.97
N LEU B 361 6.39 26.79 18.27
CA LEU B 361 5.65 27.53 17.25
C LEU B 361 4.15 27.39 17.43
N ASP B 362 3.40 28.38 16.95
CA ASP B 362 1.94 28.32 16.95
C ASP B 362 1.46 27.37 15.87
N MET B 363 1.87 27.63 14.63
CA MET B 363 1.48 26.82 13.50
C MET B 363 2.62 26.68 12.49
N ALA B 364 2.60 25.60 11.73
CA ALA B 364 3.62 25.35 10.73
C ALA B 364 3.05 24.44 9.63
N ALA B 365 3.67 24.48 8.45
CA ALA B 365 3.21 23.70 7.32
C ALA B 365 4.36 23.00 6.59
N THR B 366 4.17 21.73 6.29
CA THR B 366 5.18 20.92 5.59
C THR B 366 4.61 20.46 4.25
N PHE B 367 5.49 20.37 3.26
CA PHE B 367 5.08 20.30 1.86
C PHE B 367 5.87 19.24 1.09
N ILE B 368 5.33 18.02 1.03
CA ILE B 368 5.96 16.96 0.28
C ILE B 368 5.41 16.97 -1.14
N ALA B 369 6.31 17.13 -2.11
CA ALA B 369 5.91 17.24 -3.51
C ALA B 369 6.71 16.30 -4.40
N ASN B 370 6.04 15.75 -5.40
CA ASN B 370 6.70 15.01 -6.46
C ASN B 370 6.78 15.88 -7.70
N SER B 371 7.60 16.92 -7.62
CA SER B 371 7.71 17.89 -8.70
C SER B 371 8.70 17.39 -9.76
N THR B 372 8.40 17.68 -11.02
CA THR B 372 9.27 17.31 -12.12
C THR B 372 10.51 18.21 -12.21
N SER B 373 10.48 19.32 -11.48
CA SER B 373 11.59 20.26 -11.50
C SER B 373 12.78 19.73 -10.72
N ILE B 374 12.61 18.58 -10.06
CA ILE B 374 13.71 17.97 -9.30
C ILE B 374 14.77 17.42 -10.26
N GLN B 375 14.44 17.39 -11.54
CA GLN B 375 15.40 16.96 -12.55
C GLN B 375 16.61 17.88 -12.55
N GLU B 376 16.43 19.11 -12.07
CA GLU B 376 17.52 20.07 -11.99
C GLU B 376 18.60 19.59 -11.02
N LEU B 377 18.17 18.89 -9.97
CA LEU B 377 19.11 18.31 -9.00
C LEU B 377 19.99 17.26 -9.67
N PHE B 378 19.37 16.26 -10.27
CA PHE B 378 20.12 15.17 -10.92
C PHE B 378 20.93 15.70 -12.09
N LYS B 379 20.31 16.54 -12.91
CA LYS B 379 20.95 17.12 -14.09
C LYS B 379 22.23 17.86 -13.71
N ARG B 380 22.24 18.43 -12.51
CA ARG B 380 23.40 19.15 -12.00
C ARG B 380 24.52 18.19 -11.64
N VAL B 381 24.17 17.11 -10.96
CA VAL B 381 25.15 16.11 -10.53
C VAL B 381 25.67 15.33 -11.74
N GLY B 382 24.78 15.05 -12.69
CA GLY B 382 25.16 14.34 -13.90
C GLY B 382 26.22 15.09 -14.68
N ASP B 383 26.16 16.42 -14.63
CA ASP B 383 27.14 17.25 -15.31
C ASP B 383 28.49 17.18 -14.62
N GLN B 384 28.48 17.14 -13.29
CA GLN B 384 29.70 17.02 -12.51
C GLN B 384 30.27 15.61 -12.62
N PHE B 385 29.37 14.63 -12.73
CA PHE B 385 29.74 13.23 -12.90
C PHE B 385 30.42 13.03 -14.25
N SER B 386 29.78 13.53 -15.30
CA SER B 386 30.30 13.39 -16.67
C SER B 386 31.60 14.17 -16.84
N ALA B 387 31.71 15.29 -16.14
CA ALA B 387 32.90 16.12 -16.20
C ALA B 387 34.12 15.34 -15.74
N MET B 388 33.95 14.57 -14.67
CA MET B 388 35.04 13.78 -14.12
C MET B 388 35.23 12.47 -14.87
N PHE B 389 34.12 11.81 -15.21
CA PHE B 389 34.17 10.48 -15.79
C PHE B 389 34.85 10.46 -17.15
N LYS B 390 34.68 11.53 -17.91
CA LYS B 390 35.29 11.63 -19.23
C LYS B 390 36.81 11.68 -19.14
N ARG B 391 37.30 12.15 -18.00
CA ARG B 391 38.74 12.18 -17.74
C ARG B 391 39.20 10.93 -16.98
N LYS B 392 38.26 10.04 -16.68
CA LYS B 392 38.55 8.82 -15.95
C LYS B 392 39.21 9.14 -14.61
N ALA B 393 38.79 10.24 -14.01
CA ALA B 393 39.42 10.74 -12.79
C ALA B 393 39.02 9.94 -11.56
N PHE B 394 39.99 9.71 -10.68
CA PHE B 394 39.77 9.07 -9.38
C PHE B 394 39.28 7.63 -9.44
N LEU B 395 39.12 7.09 -10.66
CA LEU B 395 38.57 5.75 -10.82
C LEU B 395 39.36 4.69 -10.08
N HIS B 396 40.68 4.89 -9.98
CA HIS B 396 41.56 3.95 -9.31
C HIS B 396 41.09 3.63 -7.89
N TRP B 397 40.63 4.66 -7.18
CA TRP B 397 40.19 4.49 -5.79
C TRP B 397 38.92 3.66 -5.70
N TYR B 398 38.24 3.47 -6.82
CA TYR B 398 36.99 2.71 -6.87
C TYR B 398 37.18 1.31 -7.44
N THR B 399 37.92 1.22 -8.55
CA THR B 399 38.10 -0.05 -9.25
C THR B 399 39.06 -0.98 -8.51
N SER B 400 39.81 -0.43 -7.57
CA SER B 400 40.73 -1.22 -6.77
C SER B 400 39.99 -1.97 -5.66
N GLU B 401 38.73 -1.62 -5.46
CA GLU B 401 37.92 -2.21 -4.41
C GLU B 401 37.02 -3.33 -4.93
N GLY B 402 36.73 -3.30 -6.23
CA GLY B 402 35.95 -4.34 -6.87
C GLY B 402 34.93 -3.84 -7.88
N MET B 403 34.96 -2.55 -8.17
CA MET B 403 34.02 -1.95 -9.12
C MET B 403 34.57 -1.91 -10.53
N ASP B 404 33.68 -1.75 -11.50
CA ASP B 404 34.03 -1.66 -12.90
C ASP B 404 33.51 -0.35 -13.50
N GLU B 405 34.07 0.06 -14.64
CA GLU B 405 33.71 1.33 -15.25
C GLU B 405 32.28 1.32 -15.78
N LEU B 406 31.80 0.15 -16.20
CA LEU B 406 30.46 0.04 -16.74
C LEU B 406 29.42 0.32 -15.65
N GLU B 407 29.83 0.18 -14.41
CA GLU B 407 28.97 0.48 -13.27
C GLU B 407 28.75 1.98 -13.17
N PHE B 408 29.80 2.75 -13.48
CA PHE B 408 29.69 4.21 -13.54
C PHE B 408 28.80 4.63 -14.70
N SER B 409 29.02 4.02 -15.86
CA SER B 409 28.26 4.34 -17.06
C SER B 409 26.79 3.96 -16.88
N GLU B 410 26.55 2.88 -16.14
CA GLU B 410 25.17 2.46 -15.83
C GLU B 410 24.47 3.53 -15.01
N ALA B 411 25.08 3.90 -13.90
CA ALA B 411 24.51 4.89 -12.99
C ALA B 411 24.30 6.23 -13.69
N GLU B 412 25.22 6.56 -14.59
CA GLU B 412 25.13 7.82 -15.35
C GLU B 412 23.92 7.80 -16.28
N SER B 413 23.84 6.77 -17.13
CA SER B 413 22.76 6.66 -18.10
C SER B 413 21.42 6.42 -17.41
N ASN B 414 21.46 5.78 -16.24
CA ASN B 414 20.25 5.52 -15.49
C ASN B 414 19.66 6.82 -14.93
N MET B 415 20.54 7.67 -14.41
CA MET B 415 20.10 8.95 -13.87
C MET B 415 19.71 9.89 -15.01
N ASN B 416 20.26 9.65 -16.20
CA ASN B 416 19.90 10.40 -17.38
C ASN B 416 18.48 10.04 -17.81
N ASP B 417 18.15 8.76 -17.72
CA ASP B 417 16.82 8.27 -18.03
C ASP B 417 15.81 8.81 -17.04
N LEU B 418 16.26 9.05 -15.82
CA LEU B 418 15.42 9.60 -14.76
C LEU B 418 15.01 11.04 -15.09
N VAL B 419 15.98 11.82 -15.56
CA VAL B 419 15.72 13.19 -15.98
C VAL B 419 14.78 13.20 -17.18
N SER B 420 15.07 12.35 -18.16
CA SER B 420 14.24 12.22 -19.36
C SER B 420 12.80 11.87 -18.99
N GLU B 421 12.66 10.99 -17.99
CA GLU B 421 11.34 10.57 -17.52
C GLU B 421 10.60 11.73 -16.87
N TYR B 422 11.27 12.41 -15.95
CA TYR B 422 10.67 13.55 -15.26
C TYR B 422 10.28 14.62 -16.27
N GLN B 423 11.07 14.75 -17.33
CA GLN B 423 10.81 15.73 -18.38
C GLN B 423 9.67 15.28 -19.28
N GLN B 424 9.53 13.97 -19.44
CA GLN B 424 8.52 13.41 -20.32
C GLN B 424 7.11 13.69 -19.83
N TYR B 425 6.90 13.62 -18.51
CA TYR B 425 5.59 13.86 -17.93
C TYR B 425 5.36 15.35 -17.68
N GLN B 426 6.43 16.14 -17.70
CA GLN B 426 6.30 17.58 -17.64
C GLN B 426 5.49 18.08 -18.82
N GLU B 427 5.70 17.43 -19.97
CA GLU B 427 5.14 17.87 -21.23
C GLU B 427 3.87 17.12 -21.63
N ALA B 428 3.52 16.09 -20.86
CA ALA B 428 2.37 15.24 -21.18
C ALA B 428 1.08 16.05 -21.26
N THR B 429 0.30 15.79 -22.30
CA THR B 429 -0.92 16.56 -22.60
C THR B 429 -2.17 15.69 -22.47
N VAL B 430 -3.31 16.26 -22.87
CA VAL B 430 -4.57 15.53 -22.85
C VAL B 430 -4.93 15.10 -21.44
N LEU C 2 43.42 -35.47 -26.04
CA LEU C 2 43.37 -34.42 -25.03
C LEU C 2 43.96 -34.89 -23.69
N PRO C 3 45.22 -34.55 -23.42
CA PRO C 3 45.87 -34.86 -22.13
C PRO C 3 45.10 -34.35 -20.92
N GLU C 4 45.26 -35.01 -19.77
CA GLU C 4 44.62 -34.60 -18.53
C GLU C 4 45.64 -34.04 -17.54
N GLU C 5 45.28 -32.95 -16.87
CA GLU C 5 46.19 -32.22 -15.99
C GLU C 5 45.81 -32.34 -14.52
N THR C 6 46.70 -31.86 -13.65
CA THR C 6 46.40 -31.73 -12.22
C THR C 6 46.49 -30.26 -11.84
N ILE C 7 45.77 -29.88 -10.79
CA ILE C 7 45.71 -28.47 -10.35
C ILE C 7 45.93 -28.33 -8.85
N LEU C 8 45.85 -29.44 -8.12
CA LEU C 8 45.96 -29.41 -6.66
C LEU C 8 47.41 -29.18 -6.22
N ASP C 9 48.35 -29.52 -7.10
CA ASP C 9 49.76 -29.34 -6.81
C ASP C 9 50.26 -27.98 -7.30
N LYS C 10 49.32 -27.09 -7.63
CA LYS C 10 49.64 -25.80 -8.24
C LYS C 10 49.03 -24.63 -7.46
N LEU C 11 48.51 -24.91 -6.28
CA LEU C 11 47.96 -23.87 -5.42
C LEU C 11 49.08 -23.01 -4.83
N PRO C 12 48.78 -21.75 -4.50
CA PRO C 12 49.76 -20.96 -3.74
C PRO C 12 50.04 -21.60 -2.38
N LYS C 13 51.31 -21.72 -2.01
CA LYS C 13 51.70 -22.40 -0.79
C LYS C 13 51.10 -21.78 0.47
N ASP C 14 50.56 -20.56 0.33
CA ASP C 14 49.92 -19.86 1.45
C ASP C 14 48.41 -19.73 1.24
N PHE C 15 47.88 -20.42 0.23
CA PHE C 15 46.47 -20.33 -0.15
C PHE C 15 45.52 -20.49 1.05
N GLN C 16 45.77 -21.51 1.88
CA GLN C 16 44.88 -21.82 2.99
C GLN C 16 44.78 -20.67 3.99
N GLU C 17 45.92 -20.07 4.34
CA GLU C 17 45.92 -18.96 5.29
C GLU C 17 45.33 -17.71 4.65
N ARG C 18 45.62 -17.50 3.37
CA ARG C 18 45.15 -16.33 2.64
C ARG C 18 43.64 -16.38 2.42
N ILE C 19 43.15 -17.50 1.91
CA ILE C 19 41.73 -17.63 1.58
C ILE C 19 40.86 -17.54 2.84
N THR C 20 41.43 -17.92 3.98
CA THR C 20 40.72 -17.87 5.25
C THR C 20 41.06 -16.61 6.03
N SER C 21 41.57 -15.59 5.33
CA SER C 21 41.97 -14.34 5.96
C SER C 21 40.78 -13.41 6.13
N SER C 22 40.80 -12.61 7.19
CA SER C 22 39.74 -11.65 7.44
C SER C 22 39.79 -10.51 6.42
N LYS C 23 41.00 -10.17 5.98
CA LYS C 23 41.17 -9.21 4.89
C LYS C 23 40.53 -9.75 3.62
N TRP C 24 39.63 -8.95 3.04
CA TRP C 24 38.98 -9.34 1.79
C TRP C 24 39.99 -9.48 0.67
N LYS C 25 41.02 -8.63 0.68
CA LYS C 25 42.00 -8.57 -0.39
C LYS C 25 42.82 -9.86 -0.48
N ASP C 26 43.07 -10.48 0.67
CA ASP C 26 43.79 -11.74 0.71
C ASP C 26 42.98 -12.83 0.00
N ARG C 27 41.69 -12.88 0.30
CA ARG C 27 40.82 -13.90 -0.26
C ARG C 27 40.62 -13.70 -1.76
N VAL C 28 40.42 -12.45 -2.17
CA VAL C 28 40.22 -12.13 -3.58
C VAL C 28 41.49 -12.38 -4.39
N GLU C 29 42.63 -11.95 -3.86
CA GLU C 29 43.90 -12.15 -4.55
C GLU C 29 44.24 -13.64 -4.66
N ALA C 30 43.98 -14.38 -3.59
CA ALA C 30 44.26 -15.81 -3.54
C ALA C 30 43.46 -16.55 -4.62
N LEU C 31 42.17 -16.24 -4.72
CA LEU C 31 41.32 -16.85 -5.73
C LEU C 31 41.72 -16.43 -7.13
N GLU C 32 41.90 -15.13 -7.31
CA GLU C 32 42.19 -14.56 -8.62
C GLU C 32 43.52 -15.06 -9.16
N GLU C 33 44.49 -15.22 -8.25
CA GLU C 33 45.80 -15.72 -8.62
C GLU C 33 45.69 -17.15 -9.15
N PHE C 34 45.08 -18.02 -8.34
CA PHE C 34 44.96 -19.43 -8.69
C PHE C 34 44.15 -19.62 -9.98
N TRP C 35 43.21 -18.71 -10.22
CA TRP C 35 42.40 -18.78 -11.44
C TRP C 35 43.24 -18.40 -12.66
N ASP C 36 43.95 -17.28 -12.57
CA ASP C 36 44.72 -16.77 -13.69
C ASP C 36 45.89 -17.68 -14.05
N SER C 37 46.57 -18.19 -13.03
CA SER C 37 47.79 -18.95 -13.23
C SER C 37 47.54 -20.44 -13.49
N VAL C 38 46.33 -20.91 -13.22
CA VAL C 38 46.02 -22.33 -13.33
C VAL C 38 44.67 -22.62 -13.99
N LEU C 39 43.58 -22.41 -13.25
CA LEU C 39 42.25 -22.86 -13.68
C LEU C 39 41.83 -22.31 -15.03
N SER C 40 42.22 -21.07 -15.32
CA SER C 40 41.86 -20.45 -16.58
C SER C 40 42.52 -21.15 -17.76
N GLN C 41 43.75 -21.60 -17.56
CA GLN C 41 44.53 -22.25 -18.62
C GLN C 41 44.38 -23.77 -18.62
N THR C 42 43.33 -24.27 -17.97
CA THR C 42 43.08 -25.71 -17.90
C THR C 42 42.11 -26.14 -19.00
N LYS C 43 42.35 -27.33 -19.55
CA LYS C 43 41.52 -27.87 -20.62
C LYS C 43 40.93 -29.24 -20.26
N LYS C 44 41.62 -29.98 -19.40
CA LYS C 44 41.16 -31.28 -18.93
C LYS C 44 41.78 -31.60 -17.58
N LEU C 45 41.01 -32.25 -16.71
CA LEU C 45 41.46 -32.58 -15.36
C LEU C 45 41.60 -34.08 -15.13
N LYS C 46 42.42 -34.44 -14.15
CA LYS C 46 42.63 -35.83 -13.76
C LYS C 46 41.88 -36.13 -12.46
N SER C 47 40.95 -37.07 -12.51
CA SER C 47 40.19 -37.46 -11.32
C SER C 47 40.92 -38.55 -10.55
N THR C 48 41.81 -39.26 -11.25
CA THR C 48 42.55 -40.38 -10.66
C THR C 48 43.51 -39.92 -9.55
N SER C 49 43.28 -40.42 -8.35
CA SER C 49 44.15 -40.13 -7.21
C SER C 49 44.25 -38.63 -6.95
N GLN C 50 43.15 -37.93 -7.25
CA GLN C 50 43.06 -36.49 -7.05
C GLN C 50 41.76 -36.15 -6.35
N ASN C 51 41.84 -35.64 -5.13
CA ASN C 51 40.66 -35.29 -4.35
C ASN C 51 40.46 -33.79 -4.27
N TYR C 52 39.31 -33.33 -4.74
CA TYR C 52 38.99 -31.91 -4.81
C TYR C 52 38.09 -31.45 -3.67
N SER C 53 37.79 -32.36 -2.74
CA SER C 53 36.81 -32.10 -1.68
C SER C 53 37.11 -30.82 -0.89
N ASN C 54 38.33 -30.71 -0.39
CA ASN C 54 38.74 -29.53 0.37
C ASN C 54 38.57 -28.26 -0.45
N LEU C 55 39.17 -28.25 -1.63
CA LEU C 55 39.13 -27.09 -2.52
C LEU C 55 37.69 -26.67 -2.82
N LEU C 56 36.85 -27.64 -3.17
CA LEU C 56 35.46 -27.36 -3.49
C LEU C 56 34.68 -26.97 -2.23
N GLY C 57 35.04 -27.56 -1.10
CA GLY C 57 34.43 -27.21 0.17
C GLY C 57 34.74 -25.78 0.55
N ILE C 58 35.98 -25.37 0.28
CA ILE C 58 36.39 -23.99 0.51
C ILE C 58 35.58 -23.04 -0.38
N TYR C 59 35.58 -23.32 -1.68
CA TYR C 59 34.79 -22.55 -2.63
C TYR C 59 33.34 -22.46 -2.16
N GLY C 60 32.72 -23.62 -1.96
CA GLY C 60 31.34 -23.70 -1.53
C GLY C 60 31.04 -22.86 -0.29
N HIS C 61 32.02 -22.76 0.60
CA HIS C 61 31.87 -21.96 1.81
C HIS C 61 31.87 -20.47 1.46
N ILE C 62 32.79 -20.08 0.58
CA ILE C 62 32.87 -18.70 0.12
C ILE C 62 31.58 -18.28 -0.56
N ILE C 63 31.03 -19.17 -1.39
CA ILE C 63 29.83 -18.88 -2.16
C ILE C 63 28.65 -18.62 -1.23
N GLN C 64 28.59 -19.36 -0.13
CA GLN C 64 27.44 -19.31 0.76
C GLN C 64 27.49 -18.17 1.78
N LYS C 65 28.64 -17.96 2.41
CA LYS C 65 28.72 -17.13 3.61
C LYS C 65 29.59 -15.88 3.48
N ASP C 66 30.41 -15.80 2.44
CA ASP C 66 31.28 -14.63 2.26
C ASP C 66 30.45 -13.42 1.87
N ALA C 67 30.89 -12.24 2.32
CA ALA C 67 30.17 -11.00 2.09
C ALA C 67 30.70 -10.29 0.84
N ASN C 68 31.97 -10.53 0.51
CA ASN C 68 32.59 -9.92 -0.66
C ASN C 68 32.19 -10.66 -1.93
N ILE C 69 31.25 -10.06 -2.67
CA ILE C 69 30.66 -10.74 -3.83
C ILE C 69 31.66 -11.01 -4.94
N GLN C 70 32.78 -10.30 -4.95
CA GLN C 70 33.81 -10.52 -5.94
C GLN C 70 34.44 -11.90 -5.73
N ALA C 71 34.70 -12.23 -4.46
CA ALA C 71 35.25 -13.53 -4.11
C ALA C 71 34.21 -14.62 -4.37
N VAL C 72 32.94 -14.27 -4.22
CA VAL C 72 31.85 -15.19 -4.53
C VAL C 72 31.83 -15.51 -6.02
N ALA C 73 31.92 -14.47 -6.84
CA ALA C 73 31.94 -14.64 -8.28
C ALA C 73 33.13 -15.49 -8.73
N LEU C 74 34.26 -15.31 -8.06
CA LEU C 74 35.47 -16.06 -8.39
C LEU C 74 35.33 -17.54 -8.07
N ALA C 75 34.78 -17.84 -6.90
CA ALA C 75 34.60 -19.22 -6.46
C ALA C 75 33.64 -19.96 -7.39
N ALA C 76 32.54 -19.31 -7.75
CA ALA C 76 31.54 -19.90 -8.64
C ALA C 76 32.13 -20.16 -10.01
N GLN C 77 33.03 -19.28 -10.44
CA GLN C 77 33.70 -19.42 -11.72
C GLN C 77 34.66 -20.60 -11.70
N SER C 78 35.33 -20.78 -10.56
CA SER C 78 36.26 -21.88 -10.38
C SER C 78 35.54 -23.22 -10.28
N VAL C 79 34.45 -23.26 -9.51
CA VAL C 79 33.64 -24.46 -9.38
C VAL C 79 33.12 -24.88 -10.75
N GLU C 80 32.75 -23.90 -11.56
CA GLU C 80 32.22 -24.17 -12.89
C GLU C 80 33.33 -24.68 -13.80
N LEU C 81 34.54 -24.17 -13.60
CA LEU C 81 35.69 -24.61 -14.39
C LEU C 81 36.03 -26.05 -14.06
N ILE C 82 36.15 -26.35 -12.76
CA ILE C 82 36.49 -27.68 -12.31
C ILE C 82 35.48 -28.71 -12.81
N CYS C 83 34.19 -28.39 -12.66
CA CYS C 83 33.13 -29.32 -13.02
C CYS C 83 33.10 -29.64 -14.51
N ASP C 84 33.25 -28.61 -15.34
CA ASP C 84 33.18 -28.78 -16.79
C ASP C 84 34.42 -29.47 -17.34
N LYS C 85 35.56 -29.27 -16.69
CA LYS C 85 36.83 -29.81 -17.16
C LYS C 85 37.12 -31.19 -16.54
N LEU C 86 36.38 -31.52 -15.48
CA LEU C 86 36.49 -32.82 -14.84
C LEU C 86 35.40 -33.75 -15.36
N LYS C 87 34.25 -33.18 -15.69
CA LYS C 87 33.12 -33.93 -16.25
C LYS C 87 32.71 -35.08 -15.33
N THR C 88 32.10 -36.11 -15.91
CA THR C 88 31.67 -37.29 -15.17
C THR C 88 32.36 -38.55 -15.70
N PRO C 89 32.48 -39.59 -14.85
CA PRO C 89 32.02 -39.65 -13.46
C PRO C 89 32.97 -38.99 -12.47
N GLY C 90 33.95 -38.25 -12.98
CA GLY C 90 34.93 -37.57 -12.14
C GLY C 90 34.29 -36.73 -11.06
N PHE C 91 33.60 -35.68 -11.48
CA PHE C 91 32.87 -34.81 -10.55
C PHE C 91 31.70 -35.59 -9.94
N SER C 92 31.93 -36.18 -8.76
CA SER C 92 30.93 -37.05 -8.14
C SER C 92 29.83 -36.26 -7.45
N LYS C 93 28.78 -36.97 -7.03
CA LYS C 93 27.67 -36.35 -6.31
C LYS C 93 28.14 -35.81 -4.97
N ASP C 94 29.24 -36.35 -4.46
CA ASP C 94 29.85 -35.84 -3.24
C ASP C 94 30.33 -34.40 -3.46
N TYR C 95 30.83 -34.13 -4.66
CA TYR C 95 31.29 -32.80 -5.01
C TYR C 95 30.11 -31.87 -5.28
N VAL C 96 29.05 -32.42 -5.89
CA VAL C 96 27.85 -31.64 -6.18
C VAL C 96 27.22 -31.13 -4.88
N SER C 97 27.18 -31.97 -3.87
CA SER C 97 26.53 -31.63 -2.60
C SER C 97 27.29 -30.53 -1.86
N LEU C 98 28.55 -30.30 -2.24
CA LEU C 98 29.38 -29.29 -1.59
C LEU C 98 29.09 -27.88 -2.11
N VAL C 99 28.63 -27.78 -3.35
CA VAL C 99 28.53 -26.48 -4.03
C VAL C 99 27.15 -26.16 -4.60
N PHE C 100 26.24 -27.14 -4.61
CA PHE C 100 24.94 -26.92 -5.23
C PHE C 100 24.04 -26.05 -4.36
N THR C 101 23.98 -26.36 -3.07
CA THR C 101 23.14 -25.59 -2.16
C THR C 101 23.66 -24.17 -1.97
N PRO C 102 24.97 -24.00 -1.76
CA PRO C 102 25.52 -22.63 -1.69
C PRO C 102 25.15 -21.77 -2.89
N LEU C 103 25.24 -22.33 -4.08
CA LEU C 103 24.90 -21.61 -5.31
C LEU C 103 23.41 -21.26 -5.33
N LEU C 104 22.56 -22.21 -4.95
CA LEU C 104 21.13 -21.97 -4.92
C LEU C 104 20.77 -20.91 -3.88
N ASP C 105 21.56 -20.84 -2.81
CA ASP C 105 21.32 -19.85 -1.76
C ASP C 105 21.75 -18.45 -2.18
N ARG C 106 22.78 -18.39 -3.01
CA ARG C 106 23.38 -17.10 -3.37
C ARG C 106 22.83 -16.56 -4.70
N THR C 107 21.78 -17.19 -5.21
CA THR C 107 21.07 -16.64 -6.36
C THR C 107 20.39 -15.32 -6.02
N LYS C 108 20.38 -14.99 -4.72
CA LYS C 108 19.81 -13.73 -4.26
C LYS C 108 20.53 -12.52 -4.85
N GLU C 109 21.77 -12.72 -5.28
CA GLU C 109 22.59 -11.64 -5.81
C GLU C 109 21.97 -11.04 -7.08
N LYS C 110 22.18 -9.75 -7.26
CA LYS C 110 21.62 -9.00 -8.38
C LYS C 110 22.69 -8.56 -9.37
N LYS C 111 23.93 -8.43 -8.90
CA LYS C 111 25.00 -7.91 -9.74
C LYS C 111 25.24 -8.82 -10.94
N PRO C 112 25.10 -8.28 -12.18
CA PRO C 112 25.13 -9.09 -13.40
C PRO C 112 26.30 -10.07 -13.52
N SER C 113 27.50 -9.66 -13.14
CA SER C 113 28.68 -10.51 -13.30
C SER C 113 28.72 -11.60 -12.24
N VAL C 114 28.22 -11.30 -11.04
CA VAL C 114 28.23 -12.27 -9.95
C VAL C 114 27.16 -13.34 -10.16
N ILE C 115 25.95 -12.92 -10.51
CA ILE C 115 24.85 -13.86 -10.69
C ILE C 115 25.05 -14.69 -11.97
N GLU C 116 25.78 -14.13 -12.93
CA GLU C 116 26.09 -14.85 -14.15
C GLU C 116 27.01 -16.02 -13.84
N ALA C 117 27.95 -15.81 -12.93
CA ALA C 117 28.87 -16.86 -12.50
C ALA C 117 28.11 -17.96 -11.79
N ILE C 118 27.16 -17.56 -10.94
CA ILE C 118 26.35 -18.51 -10.18
C ILE C 118 25.44 -19.31 -11.09
N ARG C 119 24.86 -18.66 -12.09
CA ARG C 119 23.99 -19.33 -13.05
C ARG C 119 24.77 -20.34 -13.89
N LYS C 120 25.93 -19.92 -14.39
CA LYS C 120 26.79 -20.79 -15.18
C LYS C 120 27.18 -22.04 -14.39
N ALA C 121 27.57 -21.85 -13.13
CA ALA C 121 27.94 -22.95 -12.26
C ALA C 121 26.76 -23.88 -12.05
N LEU C 122 25.59 -23.32 -11.81
CA LEU C 122 24.39 -24.10 -11.57
C LEU C 122 23.99 -24.89 -12.82
N LEU C 123 24.10 -24.25 -13.98
CA LEU C 123 23.72 -24.89 -15.24
C LEU C 123 24.72 -25.96 -15.65
N THR C 124 25.99 -25.76 -15.31
CA THR C 124 27.03 -26.74 -15.64
C THR C 124 26.87 -28.00 -14.81
N ILE C 125 26.56 -27.83 -13.53
CA ILE C 125 26.36 -28.97 -12.63
C ILE C 125 25.09 -29.72 -13.01
N CYS C 126 24.05 -28.97 -13.38
CA CYS C 126 22.77 -29.57 -13.78
C CYS C 126 22.89 -30.25 -15.14
N LYS C 127 23.79 -29.74 -15.98
CA LYS C 127 24.07 -30.35 -17.28
C LYS C 127 24.59 -31.78 -17.09
N TYR C 128 25.53 -31.95 -16.17
CA TYR C 128 26.14 -33.25 -15.91
C TYR C 128 25.32 -34.07 -14.93
N TYR C 129 24.39 -33.41 -14.22
CA TYR C 129 23.51 -34.10 -13.27
C TYR C 129 22.08 -33.58 -13.41
N ASP C 130 21.33 -34.18 -14.33
CA ASP C 130 19.96 -33.77 -14.59
C ASP C 130 19.08 -33.98 -13.36
N PRO C 131 18.54 -32.90 -12.79
CA PRO C 131 17.69 -33.06 -11.60
C PRO C 131 16.45 -33.91 -11.85
N LEU C 132 16.05 -34.02 -13.12
CA LEU C 132 14.85 -34.75 -13.50
C LEU C 132 15.18 -36.09 -14.15
N ALA C 133 16.37 -36.62 -13.85
CA ALA C 133 16.84 -37.87 -14.43
C ALA C 133 15.83 -38.99 -14.23
N SER C 134 15.61 -39.77 -15.28
CA SER C 134 14.64 -40.87 -15.23
C SER C 134 15.09 -41.95 -14.27
N SER C 135 16.38 -41.94 -13.92
CA SER C 135 16.91 -42.86 -12.92
C SER C 135 16.45 -42.44 -11.53
N GLY C 136 16.15 -41.15 -11.37
CA GLY C 136 15.71 -40.63 -10.09
C GLY C 136 16.83 -40.52 -9.08
N ARG C 137 18.07 -40.44 -9.59
CA ARG C 137 19.24 -40.39 -8.73
C ARG C 137 19.49 -38.98 -8.19
N ASN C 138 19.06 -37.99 -8.96
CA ASN C 138 19.30 -36.58 -8.61
C ASN C 138 18.06 -35.89 -8.07
N GLU C 139 17.18 -36.65 -7.43
CA GLU C 139 15.96 -36.10 -6.85
C GLU C 139 16.27 -35.17 -5.68
N ASP C 140 17.40 -35.40 -5.02
CA ASP C 140 17.85 -34.55 -3.93
C ASP C 140 18.06 -33.12 -4.42
N MET C 141 18.60 -32.99 -5.62
CA MET C 141 18.81 -31.68 -6.24
C MET C 141 17.47 -31.08 -6.66
N LEU C 142 16.54 -31.95 -7.04
CA LEU C 142 15.22 -31.50 -7.45
C LEU C 142 14.45 -30.93 -6.26
N LYS C 143 14.54 -31.61 -5.12
CA LYS C 143 13.96 -31.12 -3.88
C LYS C 143 14.58 -29.79 -3.48
N ASP C 144 15.87 -29.65 -3.76
CA ASP C 144 16.63 -28.46 -3.38
C ASP C 144 16.14 -27.25 -4.17
N ILE C 145 16.02 -27.42 -5.48
CA ILE C 145 15.50 -26.38 -6.37
C ILE C 145 14.09 -25.99 -5.93
N LEU C 146 13.24 -26.99 -5.76
CA LEU C 146 11.83 -26.77 -5.42
C LEU C 146 11.67 -26.08 -4.07
N GLU C 147 12.46 -26.48 -3.08
CA GLU C 147 12.43 -25.85 -1.76
C GLU C 147 12.87 -24.38 -1.85
N HIS C 148 13.74 -24.10 -2.82
CA HIS C 148 14.22 -22.73 -3.02
C HIS C 148 13.23 -21.89 -3.83
N MET C 149 12.32 -22.55 -4.53
CA MET C 149 11.28 -21.85 -5.27
C MET C 149 10.17 -21.39 -4.34
N LYS C 150 10.32 -21.70 -3.04
CA LYS C 150 9.40 -21.24 -2.01
C LYS C 150 10.09 -20.27 -1.06
N HIS C 151 11.29 -19.83 -1.43
CA HIS C 151 12.10 -18.97 -0.56
C HIS C 151 11.41 -17.63 -0.32
N LYS C 152 11.73 -17.01 0.81
CA LYS C 152 11.13 -15.72 1.17
C LYS C 152 11.61 -14.62 0.22
N THR C 153 12.83 -14.77 -0.26
CA THR C 153 13.46 -13.79 -1.15
C THR C 153 12.95 -13.94 -2.59
N PRO C 154 12.29 -12.90 -3.13
CA PRO C 154 11.72 -13.05 -4.49
C PRO C 154 12.76 -13.30 -5.57
N GLN C 155 13.99 -12.84 -5.38
CA GLN C 155 15.03 -13.05 -6.37
C GLN C 155 15.40 -14.53 -6.50
N ILE C 156 15.48 -15.22 -5.37
CA ILE C 156 15.81 -16.64 -5.38
C ILE C 156 14.69 -17.46 -6.02
N ARG C 157 13.44 -17.05 -5.78
CA ARG C 157 12.30 -17.72 -6.39
C ARG C 157 12.37 -17.60 -7.90
N MET C 158 12.75 -16.43 -8.39
CA MET C 158 12.87 -16.18 -9.81
C MET C 158 13.99 -17.02 -10.44
N GLU C 159 15.18 -16.94 -9.86
CA GLU C 159 16.35 -17.61 -10.41
C GLU C 159 16.21 -19.13 -10.38
N CYS C 160 15.62 -19.66 -9.32
CA CYS C 160 15.49 -21.10 -9.15
C CYS C 160 14.35 -21.67 -9.99
N THR C 161 13.27 -20.90 -10.13
CA THR C 161 12.15 -21.32 -10.98
C THR C 161 12.58 -21.29 -12.44
N GLN C 162 13.46 -20.33 -12.78
CA GLN C 162 14.01 -20.26 -14.13
C GLN C 162 14.94 -21.44 -14.37
N LEU C 163 15.67 -21.83 -13.33
CA LEU C 163 16.55 -22.98 -13.40
C LEU C 163 15.73 -24.25 -13.55
N PHE C 164 14.60 -24.29 -12.85
CA PHE C 164 13.69 -25.42 -12.91
C PHE C 164 13.09 -25.55 -14.30
N ASN C 165 12.71 -24.42 -14.89
CA ASN C 165 12.17 -24.40 -16.25
C ASN C 165 13.21 -24.90 -17.25
N ALA C 166 14.47 -24.52 -17.03
CA ALA C 166 15.55 -24.95 -17.89
C ALA C 166 15.69 -26.47 -17.84
N SER C 167 15.54 -27.03 -16.65
CA SER C 167 15.62 -28.48 -16.47
C SER C 167 14.50 -29.18 -17.22
N MET C 168 13.31 -28.57 -17.21
CA MET C 168 12.16 -29.14 -17.91
C MET C 168 12.34 -29.06 -19.42
N LYS C 169 12.75 -27.89 -19.91
CA LYS C 169 12.97 -27.69 -21.34
C LYS C 169 14.04 -28.64 -21.88
N GLU C 170 15.19 -28.67 -21.20
CA GLU C 170 16.35 -29.40 -21.68
C GLU C 170 16.22 -30.91 -21.46
N GLU C 171 15.20 -31.32 -20.70
CA GLU C 171 14.97 -32.74 -20.47
C GLU C 171 14.59 -33.42 -21.79
N LYS C 172 15.32 -34.48 -22.11
CA LYS C 172 15.11 -35.22 -23.36
C LYS C 172 15.25 -36.73 -23.16
N ASP C 173 15.00 -37.18 -21.93
CA ASP C 173 15.16 -38.59 -21.58
C ASP C 173 13.99 -39.09 -20.74
N GLY C 174 12.81 -38.53 -20.98
CA GLY C 174 11.60 -38.93 -20.27
C GLY C 174 11.20 -37.91 -19.24
N TYR C 175 10.01 -38.09 -18.66
CA TYR C 175 9.48 -37.17 -17.66
C TYR C 175 8.89 -37.94 -16.49
N SER C 176 9.45 -39.11 -16.18
CA SER C 176 8.91 -39.95 -15.12
C SER C 176 9.19 -39.33 -13.74
N THR C 177 10.37 -38.73 -13.58
CA THR C 177 10.74 -38.09 -12.32
C THR C 177 9.90 -36.84 -12.08
N LEU C 178 9.49 -36.19 -13.17
CA LEU C 178 8.71 -34.95 -13.09
C LEU C 178 7.25 -35.24 -12.76
N GLN C 179 6.77 -36.40 -13.20
CA GLN C 179 5.38 -36.79 -12.96
C GLN C 179 5.11 -37.09 -11.50
N ARG C 180 6.07 -37.73 -10.83
CA ARG C 180 5.91 -38.08 -9.43
C ARG C 180 5.73 -36.84 -8.55
N TYR C 181 6.63 -35.88 -8.70
CA TYR C 181 6.60 -34.66 -7.90
C TYR C 181 5.57 -33.65 -8.42
N LEU C 182 4.80 -34.04 -9.44
CA LEU C 182 3.95 -33.08 -10.14
C LEU C 182 2.88 -32.46 -9.25
N LYS C 183 1.78 -33.20 -9.05
CA LYS C 183 0.58 -32.64 -8.43
C LYS C 183 0.78 -32.26 -6.96
N ASP C 184 1.77 -32.86 -6.31
CA ASP C 184 1.96 -32.70 -4.87
C ASP C 184 3.05 -31.69 -4.50
N GLU C 185 3.95 -31.42 -5.43
CA GLU C 185 5.10 -30.54 -5.16
C GLU C 185 5.24 -29.44 -6.22
N VAL C 186 5.23 -29.83 -7.49
CA VAL C 186 5.44 -28.88 -8.58
C VAL C 186 4.28 -27.90 -8.72
N VAL C 187 3.07 -28.42 -8.90
CA VAL C 187 1.92 -27.58 -9.18
C VAL C 187 1.61 -26.62 -8.03
N PRO C 188 1.61 -27.12 -6.77
CA PRO C 188 1.34 -26.20 -5.66
C PRO C 188 2.33 -25.04 -5.57
N ILE C 189 3.59 -25.28 -5.96
CA ILE C 189 4.59 -24.22 -5.95
C ILE C 189 4.41 -23.31 -7.16
N VAL C 190 4.17 -23.91 -8.33
CA VAL C 190 3.98 -23.14 -9.55
C VAL C 190 2.83 -22.15 -9.38
N ILE C 191 1.75 -22.60 -8.74
CA ILE C 191 0.58 -21.75 -8.51
C ILE C 191 0.94 -20.53 -7.66
N GLN C 192 1.82 -20.72 -6.69
CA GLN C 192 2.27 -19.62 -5.84
C GLN C 192 3.07 -18.62 -6.65
N ILE C 193 3.86 -19.11 -7.59
CA ILE C 193 4.64 -18.25 -8.48
C ILE C 193 3.70 -17.47 -9.41
N VAL C 194 2.75 -18.18 -10.02
CA VAL C 194 1.80 -17.56 -10.94
C VAL C 194 0.98 -16.47 -10.24
N ASN C 195 0.76 -16.65 -8.94
CA ASN C 195 -0.07 -15.73 -8.16
C ASN C 195 0.74 -14.75 -7.32
N ASP C 196 2.04 -14.65 -7.59
CA ASP C 196 2.91 -13.75 -6.85
C ASP C 196 2.48 -12.30 -7.04
N THR C 197 2.84 -11.45 -6.08
CA THR C 197 2.44 -10.05 -6.13
C THR C 197 3.15 -9.32 -7.27
N GLN C 198 4.40 -9.67 -7.53
CA GLN C 198 5.20 -8.99 -8.55
C GLN C 198 4.98 -9.62 -9.94
N PRO C 199 4.74 -8.78 -10.96
CA PRO C 199 4.44 -9.29 -12.31
C PRO C 199 5.63 -9.97 -12.99
N ALA C 200 6.84 -9.59 -12.61
CA ALA C 200 8.04 -10.19 -13.18
C ALA C 200 8.11 -11.67 -12.79
N ILE C 201 7.59 -11.99 -11.62
CA ILE C 201 7.59 -13.35 -11.12
C ILE C 201 6.40 -14.11 -11.68
N ARG C 202 5.25 -13.44 -11.79
CA ARG C 202 4.06 -14.06 -12.37
C ARG C 202 4.32 -14.51 -13.79
N THR C 203 5.17 -13.78 -14.50
CA THR C 203 5.52 -14.12 -15.87
C THR C 203 6.26 -15.45 -15.90
N ILE C 204 7.22 -15.61 -15.00
CA ILE C 204 7.97 -16.86 -14.89
C ILE C 204 7.04 -18.00 -14.58
N GLY C 205 6.02 -17.73 -13.76
CA GLY C 205 5.01 -18.73 -13.45
C GLY C 205 4.24 -19.14 -14.68
N PHE C 206 3.84 -18.16 -15.49
CA PHE C 206 3.12 -18.42 -16.73
C PHE C 206 3.92 -19.36 -17.63
N GLU C 207 5.22 -19.11 -17.71
CA GLU C 207 6.11 -19.94 -18.51
C GLU C 207 6.17 -21.36 -17.99
N SER C 208 6.26 -21.50 -16.67
CA SER C 208 6.33 -22.81 -16.03
C SER C 208 5.08 -23.63 -16.31
N PHE C 209 3.92 -23.00 -16.14
CA PHE C 209 2.65 -23.68 -16.38
C PHE C 209 2.48 -24.00 -17.87
N ALA C 210 2.98 -23.09 -18.71
CA ALA C 210 2.92 -23.28 -20.16
C ALA C 210 3.75 -24.49 -20.57
N ILE C 211 4.90 -24.65 -19.93
CA ILE C 211 5.77 -25.80 -20.20
C ILE C 211 5.11 -27.09 -19.72
N LEU C 212 4.55 -27.04 -18.51
CA LEU C 212 3.86 -28.19 -17.95
C LEU C 212 2.70 -28.61 -18.83
N ILE C 213 2.03 -27.63 -19.43
CA ILE C 213 0.92 -27.87 -20.35
C ILE C 213 1.43 -28.52 -21.63
N LYS C 214 2.55 -28.01 -22.15
CA LYS C 214 3.13 -28.54 -23.38
C LYS C 214 3.52 -30.00 -23.22
N ILE C 215 3.96 -30.37 -22.01
CA ILE C 215 4.37 -31.73 -21.73
C ILE C 215 3.19 -32.64 -21.41
N PHE C 216 2.59 -32.42 -20.24
CA PHE C 216 1.55 -33.31 -19.72
C PHE C 216 0.17 -33.06 -20.33
N GLY C 217 0.09 -32.07 -21.22
CA GLY C 217 -1.15 -31.77 -21.93
C GLY C 217 -2.01 -30.73 -21.23
N MET C 218 -2.79 -30.02 -22.03
CA MET C 218 -3.69 -28.98 -21.54
C MET C 218 -4.79 -29.55 -20.65
N ASN C 219 -5.06 -30.84 -20.80
CA ASN C 219 -6.22 -31.47 -20.15
C ASN C 219 -6.00 -31.79 -18.68
N THR C 220 -4.83 -32.31 -18.35
CA THR C 220 -4.58 -32.83 -17.00
C THR C 220 -4.54 -31.73 -15.93
N PHE C 221 -4.46 -30.47 -16.35
CA PHE C 221 -4.45 -29.35 -15.42
C PHE C 221 -5.75 -28.56 -15.44
N VAL C 222 -6.71 -29.01 -16.25
CA VAL C 222 -7.91 -28.23 -16.53
C VAL C 222 -8.67 -27.86 -15.25
N LYS C 223 -8.64 -28.73 -14.25
CA LYS C 223 -9.31 -28.46 -12.98
C LYS C 223 -8.53 -27.45 -12.15
N THR C 224 -7.22 -27.39 -12.38
CA THR C 224 -6.34 -26.48 -11.65
C THR C 224 -6.39 -25.07 -12.25
N LEU C 225 -6.39 -25.01 -13.58
CA LEU C 225 -6.38 -23.74 -14.29
C LEU C 225 -7.67 -22.95 -14.05
N GLU C 226 -8.79 -23.66 -13.93
CA GLU C 226 -10.09 -23.03 -13.75
C GLU C 226 -10.21 -22.30 -12.42
N HIS C 227 -9.22 -22.49 -11.55
CA HIS C 227 -9.23 -21.86 -10.23
C HIS C 227 -8.49 -20.53 -10.24
N LEU C 228 -7.61 -20.34 -11.21
CA LEU C 228 -6.87 -19.09 -11.35
C LEU C 228 -7.77 -17.97 -11.83
N ASP C 229 -7.24 -16.75 -11.85
CA ASP C 229 -7.96 -15.62 -12.44
C ASP C 229 -8.13 -15.89 -13.93
N ASN C 230 -9.23 -15.40 -14.49
CA ASN C 230 -9.49 -15.59 -15.90
C ASN C 230 -8.38 -15.01 -16.77
N LEU C 231 -7.76 -13.94 -16.28
CA LEU C 231 -6.68 -13.27 -17.00
C LEU C 231 -5.34 -13.99 -16.83
N LYS C 232 -5.13 -14.57 -15.65
CA LYS C 232 -3.94 -15.38 -15.41
C LYS C 232 -4.01 -16.66 -16.24
N ARG C 233 -5.21 -17.19 -16.38
CA ARG C 233 -5.44 -18.40 -17.17
C ARG C 233 -5.22 -18.11 -18.65
N LYS C 234 -5.74 -16.97 -19.11
CA LYS C 234 -5.59 -16.57 -20.50
C LYS C 234 -4.13 -16.27 -20.84
N LYS C 235 -3.39 -15.77 -19.85
CA LYS C 235 -1.97 -15.46 -20.05
C LYS C 235 -1.21 -16.75 -20.33
N ILE C 236 -1.48 -17.78 -19.54
CA ILE C 236 -0.85 -19.08 -19.72
C ILE C 236 -1.28 -19.68 -21.06
N GLU C 237 -2.58 -19.63 -21.35
CA GLU C 237 -3.10 -20.07 -22.63
C GLU C 237 -2.37 -19.42 -23.79
N GLU C 238 -2.06 -18.13 -23.63
CA GLU C 238 -1.34 -17.38 -24.66
C GLU C 238 0.12 -17.80 -24.70
N THR C 239 0.71 -18.04 -23.52
CA THR C 239 2.11 -18.40 -23.42
C THR C 239 2.38 -19.77 -24.05
N VAL C 240 1.42 -20.68 -23.89
CA VAL C 240 1.55 -22.03 -24.45
C VAL C 240 1.80 -21.98 -25.95
N LYS C 241 1.16 -21.03 -26.63
CA LYS C 241 1.34 -20.86 -28.07
C LYS C 241 2.78 -20.47 -28.41
N THR C 242 3.38 -19.63 -27.58
CA THR C 242 4.77 -19.22 -27.76
C THR C 242 5.70 -20.41 -27.56
#